data_7VPR
#
_entry.id   7VPR
#
_cell.length_a   55.423
_cell.length_b   105.626
_cell.length_c   98.872
_cell.angle_alpha   90.000
_cell.angle_beta   93.282
_cell.angle_gamma   90.000
#
_symmetry.space_group_name_H-M   'P 1 21 1'
#
loop_
_entity.id
_entity.type
_entity.pdbx_description
1 polymer 'Sterol uptake control protein 2 (Upc2)'
2 non-polymer ERGOSTEROL
3 water water
#
_entity_poly.entity_id   1
_entity_poly.type   'polypeptide(L)'
_entity_poly.pdbx_seq_one_letter_code
;GSAMGSSSKTSLGLVDLKLFHHYCTEVWPTIIAVGISSPEVWGTYLPDLAFKYPFLMHSMLAFSATHLSRTQPGLDDYVA
SHRLSALKLLREAVLEISDDNTDALVASSLILIMDSLANASNSNPTAWIFHVKGAVTILTAVWPLPETSKFYNLISVDLS
DLGEIVDKDTGTITELVCCDDDIADLYPVDLDSPYLITLAYLDKLYREKNQLDYILRVFAFPALLDRTFLTLLMTGDLGA
MRIMRSYYKLLRNYTTEIMDRAWFLEGVSQVLPRDVDDYSGGGGMHMMLDFLGGGLPSMTTTNLSDFM
;
_entity_poly.pdbx_strand_id   A,B,C,D
#
# COMPACT_ATOMS: atom_id res chain seq x y z
N LEU A 12 30.46 -25.90 4.83
CA LEU A 12 30.26 -25.11 6.03
C LEU A 12 30.34 -25.97 7.26
N GLY A 13 30.68 -25.38 8.39
CA GLY A 13 30.80 -26.11 9.63
C GLY A 13 30.06 -25.64 10.84
N LEU A 14 30.72 -25.77 11.98
CA LEU A 14 30.17 -25.42 13.28
C LEU A 14 30.07 -23.95 13.52
N VAL A 15 30.94 -23.19 12.88
CA VAL A 15 30.90 -21.76 13.06
C VAL A 15 29.72 -21.26 12.24
N ASP A 16 29.48 -21.91 11.13
CA ASP A 16 28.38 -21.58 10.29
C ASP A 16 27.09 -21.78 11.03
N LEU A 17 27.03 -22.77 11.89
CA LEU A 17 25.84 -23.04 12.67
C LEU A 17 25.69 -22.06 13.80
N LYS A 18 26.78 -21.71 14.42
CA LYS A 18 26.74 -20.78 15.50
C LYS A 18 26.36 -19.44 14.93
N LEU A 19 26.71 -19.21 13.69
CA LEU A 19 26.39 -17.96 13.04
C LEU A 19 24.92 -17.90 12.69
N PHE A 20 24.36 -18.93 12.11
CA PHE A 20 22.97 -18.93 11.81
C PHE A 20 22.22 -18.75 13.11
N HIS A 21 22.78 -19.30 14.16
CA HIS A 21 22.20 -19.17 15.46
C HIS A 21 22.33 -17.75 15.99
N HIS A 22 23.46 -17.12 15.74
CA HIS A 22 23.68 -15.76 16.17
C HIS A 22 22.71 -14.83 15.53
N TYR A 23 22.44 -15.02 14.25
CA TYR A 23 21.45 -14.20 13.55
C TYR A 23 20.12 -14.22 14.27
N CYS A 24 19.62 -15.41 14.52
CA CYS A 24 18.34 -15.61 15.13
C CYS A 24 18.22 -15.12 16.56
N THR A 25 19.31 -15.05 17.30
CA THR A 25 19.32 -14.66 18.70
C THR A 25 19.67 -13.18 18.88
N GLU A 26 20.64 -12.66 18.12
CA GLU A 26 20.98 -11.27 18.34
C GLU A 26 21.02 -10.36 17.10
N VAL A 27 21.09 -10.88 15.88
CA VAL A 27 21.27 -9.96 14.75
C VAL A 27 19.94 -9.34 14.31
N TRP A 28 18.91 -10.15 14.09
CA TRP A 28 17.74 -9.50 13.49
C TRP A 28 16.97 -8.61 14.47
N PRO A 29 17.03 -8.84 15.80
CA PRO A 29 16.40 -7.86 16.69
C PRO A 29 17.00 -6.48 16.56
N THR A 30 18.28 -6.40 16.23
CA THR A 30 18.88 -5.09 16.01
C THR A 30 18.40 -4.47 14.70
N ILE A 31 18.01 -5.29 13.72
CA ILE A 31 17.47 -4.72 12.48
C ILE A 31 16.12 -4.06 12.76
N ILE A 32 15.21 -4.81 13.39
CA ILE A 32 13.94 -4.25 13.85
C ILE A 32 14.19 -2.96 14.64
N ALA A 33 15.18 -2.97 15.54
CA ALA A 33 15.32 -1.91 16.53
C ALA A 33 15.57 -0.53 15.91
N VAL A 34 16.19 -0.52 14.74
CA VAL A 34 16.57 0.72 14.01
C VAL A 34 15.32 1.47 13.53
N GLY A 35 14.22 0.78 13.29
CA GLY A 35 13.00 1.43 12.80
C GLY A 35 12.47 0.69 11.61
N ILE A 36 12.42 -0.61 11.71
CA ILE A 36 11.95 -1.51 10.62
C ILE A 36 10.80 -2.32 11.18
N SER A 37 9.80 -2.59 10.34
CA SER A 37 8.61 -3.37 10.75
C SER A 37 8.79 -4.84 10.41
N SER A 38 7.76 -5.65 10.72
CA SER A 38 7.65 -7.08 10.36
C SER A 38 8.74 -7.97 10.91
N PRO A 39 8.75 -8.33 12.20
CA PRO A 39 9.76 -9.22 12.76
C PRO A 39 9.59 -10.60 12.12
N GLU A 40 8.37 -10.86 11.65
CA GLU A 40 8.01 -12.08 10.88
C GLU A 40 8.88 -12.20 9.64
N VAL A 41 9.22 -11.12 8.95
CA VAL A 41 10.09 -11.31 7.79
C VAL A 41 11.53 -11.52 8.24
N TRP A 42 12.00 -10.74 9.22
CA TRP A 42 13.45 -10.76 9.52
C TRP A 42 13.86 -11.96 10.38
N GLY A 43 12.95 -12.56 11.14
CA GLY A 43 13.32 -13.69 11.97
C GLY A 43 12.67 -15.02 11.60
N THR A 44 11.67 -14.99 10.72
CA THR A 44 11.00 -16.20 10.27
C THR A 44 11.12 -16.37 8.77
N TYR A 45 10.60 -15.40 8.00
CA TYR A 45 10.61 -15.51 6.54
C TYR A 45 12.01 -15.69 5.98
N LEU A 46 12.99 -14.89 6.46
CA LEU A 46 14.32 -14.94 5.86
C LEU A 46 15.04 -16.24 6.14
N PRO A 47 15.10 -16.66 7.37
CA PRO A 47 15.77 -17.90 7.70
C PRO A 47 15.20 -19.04 6.92
N ASP A 48 13.89 -19.07 6.76
CA ASP A 48 13.25 -20.13 6.03
C ASP A 48 13.59 -20.10 4.55
N LEU A 49 13.76 -18.93 3.98
CA LEU A 49 14.12 -18.76 2.58
C LEU A 49 15.60 -19.05 2.41
N ALA A 50 16.33 -18.68 3.41
CA ALA A 50 17.76 -18.98 3.38
C ALA A 50 18.03 -20.46 3.15
N PHE A 51 17.12 -21.36 3.57
CA PHE A 51 17.34 -22.79 3.33
C PHE A 51 17.02 -23.20 1.89
N LYS A 52 16.16 -22.44 1.21
CA LYS A 52 15.85 -22.69 -0.18
C LYS A 52 16.82 -22.04 -1.15
N TYR A 53 17.65 -21.07 -0.70
CA TYR A 53 18.47 -20.27 -1.61
C TYR A 53 19.85 -19.97 -1.07
N PRO A 54 20.89 -20.64 -1.58
CA PRO A 54 22.24 -20.47 -1.02
C PRO A 54 22.75 -19.04 -1.07
N PHE A 55 22.34 -18.24 -2.08
CA PHE A 55 22.78 -16.85 -2.14
C PHE A 55 22.22 -16.08 -0.95
N LEU A 56 20.99 -16.37 -0.56
CA LEU A 56 20.49 -15.68 0.63
C LEU A 56 21.21 -16.14 1.88
N MET A 57 21.58 -17.41 1.96
CA MET A 57 22.29 -18.00 3.10
C MET A 57 23.65 -17.36 3.35
N HIS A 58 24.50 -17.32 2.37
CA HIS A 58 25.78 -16.64 2.48
C HIS A 58 25.61 -15.18 2.90
N SER A 59 24.63 -14.48 2.31
CA SER A 59 24.38 -13.12 2.74
C SER A 59 24.15 -13.06 4.24
N MET A 60 23.37 -14.00 4.78
CA MET A 60 23.01 -13.94 6.18
C MET A 60 24.14 -14.37 7.11
N LEU A 61 24.98 -15.33 6.70
CA LEU A 61 26.10 -15.73 7.55
C LEU A 61 27.20 -14.67 7.54
N ALA A 62 27.33 -13.94 6.45
CA ALA A 62 28.31 -12.88 6.41
C ALA A 62 27.87 -11.73 7.29
N PHE A 63 26.60 -11.36 7.18
CA PHE A 63 26.04 -10.31 8.03
C PHE A 63 26.25 -10.63 9.50
N SER A 64 25.76 -11.79 9.95
CA SER A 64 25.83 -12.06 11.38
C SER A 64 27.28 -12.26 11.84
N ALA A 65 28.18 -12.68 10.97
CA ALA A 65 29.58 -12.74 11.38
C ALA A 65 30.19 -11.36 11.42
N THR A 66 29.72 -10.43 10.59
CA THR A 66 30.16 -9.04 10.75
C THR A 66 29.78 -8.49 12.11
N HIS A 67 28.56 -8.80 12.55
CA HIS A 67 28.01 -8.39 13.85
C HIS A 67 28.64 -9.04 15.05
N LEU A 68 29.11 -10.25 14.85
CA LEU A 68 29.78 -10.97 15.90
C LEU A 68 31.23 -10.55 15.87
N SER A 69 31.76 -10.19 14.70
CA SER A 69 33.14 -9.69 14.59
C SER A 69 33.43 -8.57 15.59
N ARG A 70 32.42 -7.76 15.90
CA ARG A 70 32.62 -6.63 16.81
C ARG A 70 33.16 -7.09 18.16
N THR A 71 32.78 -8.29 18.63
CA THR A 71 33.27 -8.83 19.91
C THR A 71 34.19 -10.02 19.67
N GLN A 72 33.67 -11.19 19.29
CA GLN A 72 34.53 -12.32 18.98
C GLN A 72 35.54 -11.94 17.88
N PRO A 73 36.81 -12.27 17.98
CA PRO A 73 37.71 -11.98 16.87
C PRO A 73 37.94 -13.18 15.99
N GLY A 74 38.68 -13.03 14.92
CA GLY A 74 38.97 -14.12 14.03
C GLY A 74 38.00 -14.51 12.92
N LEU A 75 37.03 -13.68 12.61
CA LEU A 75 36.08 -14.03 11.59
C LEU A 75 36.30 -13.24 10.36
N ASP A 76 37.44 -12.59 10.35
CA ASP A 76 37.66 -11.72 9.27
C ASP A 76 37.59 -12.57 8.05
N ASP A 77 38.13 -13.76 8.14
CA ASP A 77 38.08 -14.68 7.05
C ASP A 77 36.63 -15.06 6.72
N TYR A 78 35.81 -15.23 7.74
CA TYR A 78 34.42 -15.60 7.56
C TYR A 78 33.63 -14.54 6.92
N VAL A 79 33.85 -13.33 7.33
CA VAL A 79 33.16 -12.22 6.78
C VAL A 79 33.44 -12.09 5.30
N ALA A 80 34.70 -12.16 4.92
CA ALA A 80 35.09 -12.00 3.54
C ALA A 80 34.71 -13.13 2.63
N SER A 81 34.72 -14.32 3.14
CA SER A 81 34.37 -15.47 2.35
C SER A 81 32.91 -15.54 2.03
N HIS A 82 32.07 -15.25 2.99
CA HIS A 82 30.66 -15.33 2.79
C HIS A 82 30.13 -14.16 2.00
N ARG A 83 30.77 -13.02 2.07
CA ARG A 83 30.35 -11.86 1.35
C ARG A 83 30.56 -11.95 -0.16
N LEU A 84 31.65 -12.52 -0.61
CA LEU A 84 31.92 -12.63 -2.04
C LEU A 84 31.09 -13.70 -2.70
N SER A 85 30.97 -14.82 -2.01
CA SER A 85 30.18 -15.97 -2.42
C SER A 85 28.72 -15.57 -2.59
N ALA A 86 28.21 -14.75 -1.68
CA ALA A 86 26.88 -14.22 -1.88
C ALA A 86 26.82 -13.40 -3.15
N LEU A 87 27.81 -12.54 -3.36
CA LEU A 87 27.82 -11.69 -4.55
C LEU A 87 27.78 -12.52 -5.83
N LYS A 88 28.68 -13.46 -5.87
CA LYS A 88 28.83 -14.35 -6.97
C LYS A 88 27.51 -15.04 -7.35
N LEU A 89 26.90 -15.78 -6.42
CA LEU A 89 25.61 -16.44 -6.60
C LEU A 89 24.48 -15.44 -6.81
N LEU A 90 24.55 -14.27 -6.17
CA LEU A 90 23.49 -13.29 -6.32
C LEU A 90 23.43 -12.76 -7.75
N ARG A 91 24.63 -12.47 -8.28
CA ARG A 91 24.94 -11.91 -9.61
C ARG A 91 24.65 -12.95 -10.67
N GLU A 92 24.95 -14.20 -10.37
CA GLU A 92 24.60 -15.33 -11.25
C GLU A 92 23.08 -15.47 -11.26
N ALA A 93 22.48 -15.30 -10.09
CA ALA A 93 21.03 -15.44 -9.89
C ALA A 93 20.20 -14.38 -10.63
N VAL A 94 20.74 -13.22 -10.96
CA VAL A 94 19.89 -12.21 -11.65
C VAL A 94 19.61 -12.58 -13.10
N LEU A 95 20.46 -13.42 -13.69
CA LEU A 95 20.26 -13.92 -15.07
C LEU A 95 19.03 -14.82 -15.14
N GLU A 96 18.69 -15.50 -14.05
CA GLU A 96 17.47 -16.33 -14.06
C GLU A 96 16.57 -15.95 -12.86
N ILE A 97 15.91 -14.81 -12.93
CA ILE A 97 14.90 -14.40 -11.90
C ILE A 97 13.62 -15.20 -12.19
N SER A 98 12.84 -15.48 -11.15
CA SER A 98 11.62 -16.26 -11.20
C SER A 98 10.81 -15.55 -10.17
N ASP A 99 9.55 -15.93 -10.00
CA ASP A 99 8.75 -15.27 -9.00
C ASP A 99 8.93 -15.93 -7.67
N ASP A 100 9.53 -17.11 -7.68
CA ASP A 100 9.75 -17.85 -6.46
C ASP A 100 11.01 -17.49 -5.67
N ASN A 101 12.00 -16.88 -6.33
CA ASN A 101 13.26 -16.56 -5.75
C ASN A 101 13.43 -15.05 -5.71
N THR A 102 12.37 -14.34 -5.94
CA THR A 102 12.43 -12.88 -6.04
C THR A 102 12.55 -12.20 -4.68
N ASP A 103 11.85 -12.72 -3.66
CA ASP A 103 11.99 -12.24 -2.29
C ASP A 103 13.31 -12.68 -1.66
N ALA A 104 13.75 -13.91 -1.99
CA ALA A 104 15.12 -14.31 -1.67
C ALA A 104 16.13 -13.30 -2.19
N LEU A 105 15.93 -12.84 -3.45
CA LEU A 105 16.84 -11.87 -4.07
C LEU A 105 16.73 -10.49 -3.43
N VAL A 106 15.50 -9.98 -3.24
CA VAL A 106 15.31 -8.70 -2.55
C VAL A 106 15.97 -8.72 -1.17
N ALA A 107 15.75 -9.80 -0.41
CA ALA A 107 16.19 -9.77 0.98
C ALA A 107 17.71 -9.91 1.11
N SER A 108 18.37 -10.68 0.24
CA SER A 108 19.82 -10.67 0.37
C SER A 108 20.44 -9.41 -0.22
N SER A 109 19.71 -8.68 -1.07
CA SER A 109 20.13 -7.34 -1.45
C SER A 109 20.22 -6.42 -0.24
N LEU A 110 19.13 -6.33 0.54
CA LEU A 110 19.15 -5.42 1.69
C LEU A 110 20.12 -5.91 2.76
N ILE A 111 20.21 -7.23 2.94
CA ILE A 111 21.18 -7.76 3.90
C ILE A 111 22.58 -7.33 3.48
N LEU A 112 22.96 -7.71 2.26
CA LEU A 112 24.27 -7.33 1.74
C LEU A 112 24.50 -5.82 1.77
N ILE A 113 23.43 -5.01 1.69
CA ILE A 113 23.59 -3.57 1.79
C ILE A 113 24.00 -3.18 3.21
N MET A 114 23.26 -3.70 4.19
CA MET A 114 23.58 -3.41 5.58
C MET A 114 24.94 -3.96 5.97
N ASP A 115 25.25 -5.15 5.49
CA ASP A 115 26.53 -5.78 5.83
C ASP A 115 27.71 -5.02 5.22
N SER A 116 27.48 -4.34 4.11
CA SER A 116 28.47 -3.51 3.43
C SER A 116 28.66 -2.17 4.13
N LEU A 117 27.56 -1.54 4.56
CA LEU A 117 27.69 -0.30 5.31
C LEU A 117 28.43 -0.52 6.62
N ALA A 118 28.25 -1.70 7.24
CA ALA A 118 28.92 -2.00 8.50
C ALA A 118 30.41 -2.26 8.30
N ASN A 119 30.79 -2.67 7.11
CA ASN A 119 32.17 -2.99 6.78
C ASN A 119 32.97 -2.00 5.98
N ALA A 120 32.40 -0.82 5.75
CA ALA A 120 33.11 0.32 5.14
C ALA A 120 33.73 1.00 6.36
N SER A 121 35.03 1.32 6.35
CA SER A 121 35.78 1.79 7.55
C SER A 121 35.99 3.31 7.68
N ASN A 122 36.88 3.74 8.58
CA ASN A 122 37.19 5.18 8.77
C ASN A 122 37.70 5.75 7.43
N SER A 123 38.39 4.92 6.67
CA SER A 123 38.91 5.32 5.34
C SER A 123 38.86 4.09 4.42
N ASN A 124 37.69 3.54 4.13
CA ASN A 124 37.74 2.29 3.31
C ASN A 124 37.91 2.55 1.81
N PRO A 125 38.13 1.46 1.05
CA PRO A 125 38.37 1.54 -0.35
C PRO A 125 37.07 1.43 -1.15
N THR A 126 37.17 0.68 -2.23
CA THR A 126 36.10 0.49 -3.22
C THR A 126 35.47 -0.89 -3.06
N ALA A 127 35.84 -1.63 -2.04
CA ALA A 127 35.23 -2.97 -1.97
C ALA A 127 33.79 -2.88 -1.48
N TRP A 128 33.50 -2.10 -0.43
CA TRP A 128 32.15 -2.05 0.06
C TRP A 128 31.25 -1.57 -1.02
N ILE A 129 31.75 -0.62 -1.75
CA ILE A 129 30.97 -0.06 -2.86
C ILE A 129 30.70 -1.11 -3.94
N PHE A 130 31.71 -1.92 -4.27
CA PHE A 130 31.52 -2.96 -5.26
C PHE A 130 30.33 -3.86 -4.93
N HIS A 131 30.22 -4.23 -3.68
CA HIS A 131 29.15 -5.07 -3.26
C HIS A 131 27.84 -4.37 -3.34
N VAL A 132 27.78 -3.14 -2.86
CA VAL A 132 26.57 -2.39 -2.92
C VAL A 132 26.09 -2.28 -4.36
N LYS A 133 26.98 -2.08 -5.30
CA LYS A 133 26.62 -1.97 -6.68
C LYS A 133 25.91 -3.21 -7.12
N GLY A 134 26.43 -4.35 -6.69
CA GLY A 134 25.76 -5.61 -6.97
C GLY A 134 24.36 -5.67 -6.38
N ALA A 135 24.25 -5.36 -5.08
CA ALA A 135 22.94 -5.27 -4.45
C ALA A 135 21.98 -4.37 -5.23
N VAL A 136 22.44 -3.18 -5.60
CA VAL A 136 21.59 -2.20 -6.28
C VAL A 136 21.16 -2.73 -7.64
N THR A 137 22.07 -3.39 -8.37
CA THR A 137 21.69 -3.83 -9.70
C THR A 137 20.70 -5.00 -9.68
N ILE A 138 20.78 -5.87 -8.65
CA ILE A 138 19.71 -6.88 -8.42
C ILE A 138 18.38 -6.19 -8.20
N LEU A 139 18.34 -5.34 -7.18
CA LEU A 139 17.18 -4.54 -6.85
C LEU A 139 16.57 -3.89 -8.09
N THR A 140 17.40 -3.20 -8.89
CA THR A 140 16.92 -2.59 -10.12
C THR A 140 16.25 -3.64 -11.03
N ALA A 141 16.86 -4.81 -11.13
CA ALA A 141 16.34 -5.83 -12.02
C ALA A 141 15.05 -6.46 -11.53
N VAL A 142 14.77 -6.49 -10.22
CA VAL A 142 13.52 -7.15 -9.79
C VAL A 142 12.39 -6.15 -9.58
N TRP A 143 12.68 -4.86 -9.55
CA TRP A 143 11.61 -3.88 -9.37
C TRP A 143 10.98 -3.52 -10.72
N PRO A 144 9.63 -3.41 -10.80
CA PRO A 144 8.61 -3.44 -9.75
C PRO A 144 8.37 -4.83 -9.19
N LEU A 145 8.31 -4.91 -7.87
CA LEU A 145 7.90 -6.14 -7.20
C LEU A 145 6.39 -6.37 -7.39
N PRO A 146 5.94 -7.60 -7.36
CA PRO A 146 4.51 -7.85 -7.43
C PRO A 146 3.90 -7.39 -6.14
N GLU A 147 2.70 -6.85 -6.11
CA GLU A 147 2.15 -6.36 -4.85
C GLU A 147 2.03 -7.47 -3.84
N THR A 148 2.11 -8.68 -4.31
CA THR A 148 2.00 -9.81 -3.44
C THR A 148 3.26 -10.06 -2.67
N SER A 149 4.31 -9.28 -2.91
CA SER A 149 5.57 -9.52 -2.21
C SER A 149 5.48 -8.94 -0.81
N LYS A 150 6.05 -9.67 0.17
CA LYS A 150 6.09 -9.12 1.52
C LYS A 150 6.96 -7.88 1.60
N PHE A 151 7.98 -7.76 0.74
CA PHE A 151 8.87 -6.60 0.76
C PHE A 151 8.32 -5.40 0.03
N TYR A 152 7.16 -5.54 -0.62
CA TYR A 152 6.56 -4.47 -1.47
C TYR A 152 6.37 -3.14 -0.75
N ASN A 153 5.64 -3.12 0.36
CA ASN A 153 5.46 -1.84 1.09
C ASN A 153 6.74 -1.45 1.82
N LEU A 154 7.52 -2.44 2.20
CA LEU A 154 8.77 -2.23 2.96
C LEU A 154 9.78 -1.40 2.18
N ILE A 155 9.88 -1.57 0.87
CA ILE A 155 10.95 -0.77 0.21
C ILE A 155 10.42 0.36 -0.66
N SER A 156 9.11 0.54 -0.79
CA SER A 156 8.59 1.52 -1.78
C SER A 156 7.65 2.57 -1.19
N VAL A 157 7.47 3.66 -1.95
CA VAL A 157 6.70 4.91 -1.71
C VAL A 157 7.18 5.54 -0.40
N LEU A 162 -0.24 10.88 -7.33
CA LEU A 162 0.85 11.77 -6.89
C LEU A 162 0.51 13.24 -6.77
N GLY A 163 -0.29 13.83 -7.67
CA GLY A 163 -0.80 15.23 -7.73
C GLY A 163 -0.50 16.28 -6.64
N GLU A 164 -0.51 15.95 -5.35
CA GLU A 164 -0.27 16.76 -4.12
C GLU A 164 1.07 17.50 -4.14
N ILE A 165 2.08 16.99 -4.86
CA ILE A 165 3.38 17.72 -5.04
C ILE A 165 3.16 18.99 -5.87
N VAL A 166 2.20 18.97 -6.81
CA VAL A 166 1.89 20.12 -7.70
C VAL A 166 1.22 21.23 -6.88
N ASP A 167 1.42 22.49 -7.26
CA ASP A 167 0.69 23.59 -6.61
C ASP A 167 -0.66 23.60 -7.31
N LYS A 168 -1.77 23.57 -6.58
CA LYS A 168 -3.11 23.46 -7.22
C LYS A 168 -3.59 24.79 -7.82
N ASP A 169 -2.85 25.86 -7.61
CA ASP A 169 -3.24 27.17 -8.21
C ASP A 169 -2.30 27.58 -9.34
N THR A 170 -1.21 26.86 -9.55
CA THR A 170 -0.27 27.27 -10.62
C THR A 170 -0.06 26.13 -11.62
N GLY A 171 -0.36 24.90 -11.22
CA GLY A 171 -0.17 23.77 -12.13
C GLY A 171 1.29 23.35 -12.28
N THR A 172 2.20 23.84 -11.44
CA THR A 172 3.62 23.43 -11.56
C THR A 172 4.16 23.07 -10.18
N ILE A 173 5.31 22.41 -10.14
CA ILE A 173 5.88 22.12 -8.79
C ILE A 173 6.55 23.41 -8.36
N THR A 174 5.79 24.31 -7.77
CA THR A 174 6.34 25.62 -7.37
C THR A 174 7.39 25.39 -6.29
N GLU A 175 7.11 24.49 -5.37
CA GLU A 175 8.06 24.38 -4.25
C GLU A 175 7.98 22.99 -3.63
N LEU A 176 9.10 22.56 -3.08
CA LEU A 176 9.17 21.25 -2.40
C LEU A 176 9.72 21.45 -1.00
N VAL A 177 9.63 20.42 -0.18
CA VAL A 177 10.41 20.36 1.09
C VAL A 177 11.71 19.61 0.74
N CYS A 178 12.62 19.37 1.68
CA CYS A 178 13.87 18.58 1.44
C CYS A 178 14.85 19.21 0.43
N CYS A 179 14.50 19.29 -0.85
CA CYS A 179 15.43 19.77 -1.90
C CYS A 179 15.24 21.22 -2.32
N ASP A 180 14.24 21.90 -1.76
CA ASP A 180 13.82 23.28 -2.18
C ASP A 180 14.98 24.20 -2.53
N ASP A 181 15.91 24.42 -1.63
CA ASP A 181 17.03 25.36 -1.92
C ASP A 181 17.98 24.70 -2.92
N ASP A 182 18.24 23.43 -2.69
CA ASP A 182 19.19 22.60 -3.47
C ASP A 182 18.78 22.58 -4.95
N ILE A 183 17.50 22.47 -5.27
CA ILE A 183 17.20 22.42 -6.73
C ILE A 183 16.28 23.55 -7.22
N ALA A 184 16.36 24.75 -6.64
CA ALA A 184 15.55 25.88 -7.18
C ALA A 184 15.59 26.00 -8.72
N ASP A 185 16.78 25.98 -9.32
CA ASP A 185 17.07 26.17 -10.76
C ASP A 185 16.14 25.32 -11.62
N LEU A 186 15.75 24.16 -11.12
CA LEU A 186 14.85 23.25 -11.88
C LEU A 186 13.44 23.82 -11.96
N TYR A 187 12.98 24.50 -10.93
CA TYR A 187 11.58 24.98 -10.91
C TYR A 187 11.33 25.95 -12.07
N PRO A 188 10.00 26.00 -12.62
CA PRO A 188 8.55 25.15 -12.51
C PRO A 188 8.89 23.78 -13.07
N VAL A 189 8.37 22.76 -12.42
CA VAL A 189 8.52 21.42 -13.03
C VAL A 189 7.11 21.08 -13.50
N ASP A 190 6.96 20.92 -14.81
CA ASP A 190 5.66 20.58 -15.45
C ASP A 190 5.45 19.07 -15.36
N LEU A 191 4.24 18.61 -15.66
CA LEU A 191 3.95 17.15 -15.65
C LEU A 191 4.54 16.46 -16.89
N ASP A 192 4.93 17.22 -17.92
CA ASP A 192 5.62 16.77 -19.17
C ASP A 192 7.07 16.38 -18.87
N SER A 193 7.62 16.86 -17.76
CA SER A 193 9.03 16.66 -17.37
C SER A 193 9.36 15.20 -17.08
N PRO A 194 10.62 14.78 -17.31
CA PRO A 194 11.07 13.44 -16.97
C PRO A 194 11.60 13.40 -15.52
N TYR A 195 11.63 14.55 -14.85
CA TYR A 195 12.09 14.65 -13.44
C TYR A 195 10.89 14.59 -12.48
N LEU A 196 9.66 14.60 -13.00
CA LEU A 196 8.47 14.63 -12.10
C LEU A 196 8.35 13.39 -11.23
N ILE A 197 8.49 12.20 -11.81
CA ILE A 197 8.30 10.99 -10.98
C ILE A 197 9.36 10.99 -9.88
N THR A 198 10.60 11.25 -10.22
CA THR A 198 11.64 11.17 -9.18
C THR A 198 11.40 12.23 -8.12
N LEU A 199 11.02 13.45 -8.53
CA LEU A 199 10.84 14.52 -7.52
C LEU A 199 9.69 14.20 -6.59
N ALA A 200 8.60 13.67 -7.15
CA ALA A 200 7.47 13.29 -6.29
C ALA A 200 7.90 12.17 -5.36
N TYR A 201 8.66 11.21 -5.87
CA TYR A 201 9.12 10.06 -5.07
C TYR A 201 9.97 10.59 -3.92
N LEU A 202 10.90 11.49 -4.21
CA LEU A 202 11.82 12.02 -3.17
C LEU A 202 11.05 12.84 -2.14
N ASP A 203 10.08 13.63 -2.60
CA ASP A 203 9.27 14.46 -1.68
C ASP A 203 8.47 13.56 -0.75
N LYS A 204 7.89 12.49 -1.31
CA LYS A 204 7.09 11.51 -0.53
C LYS A 204 8.01 10.78 0.44
N LEU A 205 9.25 10.51 0.03
CA LEU A 205 10.24 9.84 0.90
C LEU A 205 10.49 10.75 2.08
N TYR A 206 10.63 12.05 1.86
CA TYR A 206 10.81 12.99 3.00
C TYR A 206 9.54 13.04 3.84
N ARG A 207 8.37 12.98 3.20
CA ARG A 207 7.03 13.06 3.85
C ARG A 207 6.72 11.78 4.64
N GLU A 208 7.69 10.88 4.74
CA GLU A 208 7.58 9.64 5.54
C GLU A 208 8.76 9.34 6.51
N LYS A 209 9.73 10.21 6.74
CA LYS A 209 10.81 9.88 7.78
C LYS A 209 10.50 9.19 9.17
N ASN A 210 9.57 9.60 10.04
CA ASN A 210 9.29 9.00 11.34
C ASN A 210 8.56 7.67 11.25
N GLN A 211 8.08 7.36 10.06
CA GLN A 211 7.38 6.12 9.83
C GLN A 211 8.34 4.94 9.77
N LEU A 212 7.84 3.74 9.96
CA LEU A 212 8.63 2.54 9.96
C LEU A 212 9.09 2.10 8.56
N ASP A 213 10.28 1.53 8.46
CA ASP A 213 10.88 1.09 7.20
C ASP A 213 11.39 2.24 6.35
N TYR A 214 11.54 3.43 6.93
CA TYR A 214 12.09 4.57 6.20
C TYR A 214 13.52 4.27 5.71
N ILE A 215 14.33 3.69 6.58
CA ILE A 215 15.70 3.31 6.24
C ILE A 215 15.72 2.43 4.99
N LEU A 216 14.72 1.56 4.81
CA LEU A 216 14.69 0.66 3.65
C LEU A 216 14.14 1.36 2.42
N ARG A 217 13.23 2.31 2.60
CA ARG A 217 12.81 3.14 1.49
C ARG A 217 13.96 4.01 0.99
N VAL A 218 14.67 4.65 1.92
CA VAL A 218 15.82 5.46 1.55
C VAL A 218 16.85 4.60 0.85
N PHE A 219 16.99 3.35 1.30
CA PHE A 219 17.99 2.44 0.74
C PHE A 219 17.64 2.06 -0.70
N ALA A 220 16.37 1.75 -0.97
CA ALA A 220 15.95 1.27 -2.29
C ALA A 220 15.85 2.37 -3.33
N PHE A 221 15.85 3.65 -2.92
CA PHE A 221 15.55 4.71 -3.88
C PHE A 221 16.37 4.63 -5.17
N PRO A 222 17.68 4.45 -5.14
CA PRO A 222 18.42 4.45 -6.42
C PRO A 222 18.01 3.33 -7.39
N ALA A 223 17.51 2.21 -6.87
CA ALA A 223 17.07 1.09 -7.68
C ALA A 223 15.66 1.25 -8.24
N LEU A 224 14.87 2.18 -7.71
CA LEU A 224 13.48 2.33 -8.11
C LEU A 224 13.24 3.61 -8.93
N LEU A 225 14.29 4.27 -9.40
CA LEU A 225 14.13 5.30 -10.41
C LEU A 225 13.55 4.69 -11.68
N ASP A 226 12.69 5.42 -12.37
CA ASP A 226 12.19 4.90 -13.63
C ASP A 226 13.28 4.92 -14.67
N ARG A 227 13.19 3.98 -15.62
CA ARG A 227 14.29 3.76 -16.55
C ARG A 227 14.58 5.00 -17.37
N THR A 228 13.54 5.69 -17.80
CA THR A 228 13.71 6.94 -18.52
C THR A 228 14.64 7.86 -17.76
N PHE A 229 14.30 8.16 -16.50
CA PHE A 229 15.15 9.04 -15.69
C PHE A 229 16.55 8.47 -15.57
N LEU A 230 16.64 7.16 -15.41
CA LEU A 230 17.92 6.56 -15.11
C LEU A 230 18.84 6.53 -16.31
N THR A 231 18.27 6.18 -17.45
CA THR A 231 19.06 6.16 -18.63
C THR A 231 19.50 7.57 -18.90
N LEU A 232 18.71 8.52 -18.45
CA LEU A 232 19.01 9.90 -18.62
C LEU A 232 20.08 10.29 -17.68
N LEU A 233 20.07 9.73 -16.51
CA LEU A 233 21.07 10.06 -15.52
C LEU A 233 22.45 9.54 -15.91
N MET A 234 22.52 8.31 -16.44
CA MET A 234 23.81 7.76 -16.83
C MET A 234 24.44 8.47 -18.02
N THR A 235 23.67 9.24 -18.78
CA THR A 235 24.34 10.09 -19.76
C THR A 235 25.02 11.28 -19.12
N GLY A 236 24.94 11.42 -17.79
CA GLY A 236 25.53 12.54 -17.12
C GLY A 236 24.71 13.81 -17.13
N ASP A 237 23.43 13.71 -17.51
CA ASP A 237 22.56 14.89 -17.58
C ASP A 237 22.60 15.67 -16.27
N LEU A 238 22.77 16.99 -16.38
CA LEU A 238 22.93 17.85 -15.21
C LEU A 238 21.68 17.86 -14.32
N GLY A 239 20.48 17.91 -14.93
CA GLY A 239 19.27 17.96 -14.13
C GLY A 239 19.09 16.72 -13.27
N ALA A 240 19.13 15.56 -13.90
CA ALA A 240 18.99 14.35 -13.18
C ALA A 240 20.00 14.34 -12.09
N MET A 241 21.21 14.68 -12.43
CA MET A 241 22.29 14.67 -11.51
C MET A 241 22.19 15.57 -10.30
N ARG A 242 21.63 16.75 -10.47
CA ARG A 242 21.48 17.65 -9.36
C ARG A 242 20.51 17.00 -8.41
N ILE A 243 19.50 16.38 -8.97
CA ILE A 243 18.49 15.70 -8.21
C ILE A 243 19.10 14.61 -7.35
N MET A 244 19.91 13.76 -7.94
CA MET A 244 20.48 12.71 -7.09
C MET A 244 21.31 13.30 -5.97
N ARG A 245 21.99 14.43 -6.22
CA ARG A 245 22.66 15.09 -5.11
C ARG A 245 21.69 15.41 -3.98
N SER A 246 20.41 15.62 -4.30
CA SER A 246 19.43 15.85 -3.22
C SER A 246 19.13 14.56 -2.47
N TYR A 247 18.95 13.45 -3.21
CA TYR A 247 18.88 12.16 -2.55
C TYR A 247 20.08 11.93 -1.65
N TYR A 248 21.28 12.27 -2.15
CA TYR A 248 22.50 12.05 -1.37
C TYR A 248 22.50 12.86 -0.09
N LYS A 249 22.04 14.12 -0.14
CA LYS A 249 21.95 14.89 1.10
C LYS A 249 21.01 14.22 2.10
N LEU A 250 20.01 13.53 1.59
CA LEU A 250 19.05 12.90 2.47
C LEU A 250 19.61 11.61 3.05
N LEU A 251 20.16 10.75 2.17
CA LEU A 251 20.82 9.54 2.64
C LEU A 251 21.89 9.85 3.67
N ARG A 252 22.80 10.76 3.35
CA ARG A 252 23.87 11.14 4.28
C ARG A 252 23.32 11.72 5.59
N ASN A 253 22.39 12.68 5.52
CA ASN A 253 21.86 13.30 6.73
C ASN A 253 21.16 12.29 7.61
N TYR A 254 20.52 11.28 7.04
CA TYR A 254 19.80 10.34 7.92
C TYR A 254 20.77 9.40 8.64
N THR A 255 21.75 8.92 7.87
CA THR A 255 22.69 7.92 8.40
C THR A 255 23.44 8.43 9.62
N THR A 256 23.92 9.67 9.68
CA THR A 256 24.68 10.10 10.88
C THR A 256 23.84 10.13 12.18
N GLU A 257 22.61 10.64 12.13
CA GLU A 257 21.83 10.61 13.41
C GLU A 257 21.46 9.17 13.78
N ILE A 258 21.15 8.38 12.75
CA ILE A 258 20.77 7.01 13.17
C ILE A 258 21.99 6.10 13.26
N MET A 259 23.20 6.60 13.00
CA MET A 259 24.49 5.92 13.22
C MET A 259 24.58 5.86 14.72
N ASP A 260 24.23 6.97 15.39
CA ASP A 260 24.12 6.79 16.87
C ASP A 260 23.04 5.74 17.20
N ARG A 261 21.91 5.67 16.49
CA ARG A 261 21.03 4.52 16.91
C ARG A 261 21.15 3.16 16.15
N ALA A 262 22.14 2.90 15.29
CA ALA A 262 22.21 1.61 14.55
C ALA A 262 23.67 1.17 14.40
N TRP A 263 24.01 -0.09 14.72
CA TRP A 263 25.42 -0.49 14.79
C TRP A 263 26.05 -0.54 13.40
N PHE A 264 25.30 -0.90 12.39
CA PHE A 264 25.88 -1.13 11.08
C PHE A 264 25.98 0.13 10.25
N LEU A 265 25.47 1.26 10.73
CA LEU A 265 25.70 2.55 10.09
C LEU A 265 26.84 3.32 10.75
N GLU A 266 27.57 2.69 11.66
CA GLU A 266 28.66 3.39 12.32
C GLU A 266 29.76 3.69 11.33
N GLY A 267 30.37 4.85 11.48
CA GLY A 267 31.44 5.29 10.59
C GLY A 267 31.09 5.40 9.13
N VAL A 268 29.80 5.48 8.78
CA VAL A 268 29.44 5.68 7.39
C VAL A 268 29.73 7.12 6.96
N SER A 269 29.69 8.07 7.89
CA SER A 269 30.14 9.43 7.56
C SER A 269 31.61 9.43 7.11
N GLN A 270 32.44 8.57 7.66
CA GLN A 270 33.79 8.63 7.20
C GLN A 270 33.88 8.21 5.75
N VAL A 271 32.90 7.50 5.23
CA VAL A 271 32.98 7.01 3.88
C VAL A 271 32.06 7.75 2.93
N LEU A 272 31.08 8.51 3.43
CA LEU A 272 30.21 9.30 2.58
C LEU A 272 30.55 10.78 2.77
N PRO A 273 31.27 11.40 1.83
CA PRO A 273 31.64 12.82 1.93
C PRO A 273 30.48 13.80 1.73
N ARG A 274 30.58 14.96 2.40
CA ARG A 274 29.58 16.02 2.22
C ARG A 274 29.60 16.59 0.80
N ASP A 275 30.78 16.73 0.21
CA ASP A 275 30.91 17.09 -1.19
C ASP A 275 31.22 15.82 -1.97
N VAL A 276 30.35 15.48 -2.92
CA VAL A 276 30.64 14.32 -3.76
C VAL A 276 31.94 14.52 -4.53
N ASP A 277 32.35 15.76 -4.78
CA ASP A 277 33.63 16.01 -5.42
C ASP A 277 34.77 15.43 -4.62
N ASP A 278 34.56 15.09 -3.37
CA ASP A 278 35.66 14.49 -2.70
C ASP A 278 35.70 12.98 -2.74
N TYR A 279 34.96 12.39 -3.66
CA TYR A 279 34.96 10.94 -3.81
C TYR A 279 36.37 10.40 -3.92
N SER A 280 36.70 9.44 -3.08
CA SER A 280 38.02 8.87 -3.03
C SER A 280 38.39 8.08 -4.23
N GLY A 281 37.46 7.88 -5.11
CA GLY A 281 37.74 7.13 -6.31
C GLY A 281 37.66 7.93 -7.58
N GLY A 282 37.14 9.14 -7.53
CA GLY A 282 37.04 9.94 -8.73
C GLY A 282 36.24 11.16 -8.51
N GLY A 283 35.57 11.63 -9.54
CA GLY A 283 34.76 12.79 -9.43
C GLY A 283 33.37 12.36 -9.08
N GLY A 284 32.45 13.27 -8.91
CA GLY A 284 31.12 12.88 -8.62
C GLY A 284 30.48 12.01 -9.67
N MET A 285 30.92 12.11 -10.91
CA MET A 285 30.34 11.29 -11.96
C MET A 285 30.86 9.89 -11.92
N HIS A 286 31.91 9.69 -11.15
CA HIS A 286 32.53 8.40 -11.01
C HIS A 286 31.89 7.71 -9.82
N MET A 287 31.46 8.49 -8.85
CA MET A 287 30.82 7.98 -7.67
C MET A 287 29.51 7.40 -8.06
N MET A 288 28.91 8.01 -9.05
CA MET A 288 27.67 7.57 -9.55
C MET A 288 27.85 6.31 -10.34
N LEU A 289 28.86 6.25 -11.18
CA LEU A 289 29.07 5.10 -12.01
C LEU A 289 29.48 3.86 -11.27
N ASP A 290 30.11 4.04 -10.13
CA ASP A 290 30.56 2.94 -9.32
C ASP A 290 29.45 2.37 -8.43
N PHE A 291 28.32 3.05 -8.38
CA PHE A 291 27.18 2.60 -7.61
C PHE A 291 26.04 2.14 -8.52
N LEU A 292 25.87 2.76 -9.68
CA LEU A 292 24.81 2.39 -10.59
C LEU A 292 25.40 1.70 -11.79
N GLY A 293 24.68 0.81 -12.42
CA GLY A 293 25.21 0.07 -13.55
C GLY A 293 25.09 -1.41 -13.26
N GLY A 294 24.96 -2.22 -14.30
CA GLY A 294 24.82 -3.66 -14.12
C GLY A 294 25.55 -4.49 -15.15
N GLY A 295 24.95 -5.62 -15.48
CA GLY A 295 25.52 -6.53 -16.45
C GLY A 295 24.57 -6.82 -17.58
N LEU A 296 23.76 -5.81 -17.90
CA LEU A 296 22.78 -5.84 -18.97
C LEU A 296 21.36 -6.29 -18.57
N SER B 11 31.87 -31.59 11.10
CA SER B 11 31.64 -31.78 9.67
C SER B 11 30.15 -31.87 9.38
N LEU B 12 29.57 -30.74 9.02
CA LEU B 12 28.15 -30.67 8.80
C LEU B 12 27.74 -29.95 7.57
N GLY B 13 26.46 -30.13 7.28
CA GLY B 13 25.82 -29.57 6.12
C GLY B 13 24.74 -28.57 6.38
N LEU B 14 24.10 -28.17 5.30
CA LEU B 14 23.09 -27.16 5.30
C LEU B 14 21.87 -27.58 6.01
N VAL B 15 21.70 -28.87 6.12
CA VAL B 15 20.53 -29.40 6.72
C VAL B 15 20.70 -29.36 8.21
N ASP B 16 21.90 -29.11 8.70
CA ASP B 16 22.12 -29.03 10.12
C ASP B 16 21.78 -27.65 10.70
N LEU B 17 21.99 -26.64 9.91
CA LEU B 17 21.65 -25.32 10.29
C LEU B 17 20.16 -25.27 10.38
N LYS B 18 19.52 -25.96 9.47
CA LYS B 18 18.09 -25.99 9.46
C LYS B 18 17.58 -26.77 10.66
N LEU B 19 18.20 -27.90 10.96
CA LEU B 19 17.80 -28.67 12.09
C LEU B 19 18.08 -27.86 13.35
N PHE B 20 19.15 -27.12 13.41
CA PHE B 20 19.32 -26.35 14.63
C PHE B 20 18.31 -25.21 14.71
N HIS B 21 18.03 -24.55 13.58
CA HIS B 21 16.95 -23.55 13.58
C HIS B 21 15.62 -24.15 14.02
N HIS B 22 15.39 -25.42 13.65
CA HIS B 22 14.13 -26.08 13.97
C HIS B 22 14.02 -26.37 15.46
N TYR B 23 15.13 -26.52 16.14
CA TYR B 23 15.14 -26.69 17.56
C TYR B 23 14.92 -25.39 18.33
N CYS B 24 15.71 -24.38 18.06
CA CYS B 24 15.58 -23.12 18.77
C CYS B 24 14.30 -22.48 18.50
N THR B 25 13.65 -22.96 17.48
CA THR B 25 12.44 -22.38 17.04
C THR B 25 11.20 -23.10 17.46
N GLU B 26 11.14 -24.38 17.18
CA GLU B 26 9.98 -25.14 17.51
C GLU B 26 10.12 -26.26 18.48
N VAL B 27 11.22 -26.96 18.46
CA VAL B 27 11.41 -28.09 19.32
C VAL B 27 11.31 -27.87 20.81
N TRP B 28 12.11 -27.00 21.32
CA TRP B 28 12.16 -26.88 22.77
C TRP B 28 10.89 -26.30 23.38
N PRO B 29 10.09 -25.51 22.65
CA PRO B 29 8.80 -25.12 23.25
C PRO B 29 7.91 -26.29 23.56
N THR B 30 8.01 -27.37 22.78
CA THR B 30 7.24 -28.55 23.09
C THR B 30 7.79 -29.26 24.32
N ILE B 31 9.09 -29.13 24.61
CA ILE B 31 9.62 -29.73 25.83
C ILE B 31 9.05 -29.03 27.05
N ILE B 32 9.16 -27.70 27.09
CA ILE B 32 8.51 -26.91 28.14
C ILE B 32 7.03 -27.31 28.27
N ALA B 33 6.34 -27.46 27.14
CA ALA B 33 4.89 -27.57 27.16
C ALA B 33 4.37 -28.78 27.93
N VAL B 34 5.09 -29.92 27.91
CA VAL B 34 4.56 -31.09 28.62
C VAL B 34 4.69 -30.96 30.13
N GLY B 35 5.43 -29.96 30.63
CA GLY B 35 5.45 -29.70 32.04
C GLY B 35 6.86 -29.68 32.56
N ILE B 36 7.80 -29.22 31.72
CA ILE B 36 9.18 -28.99 32.11
C ILE B 36 9.31 -27.51 32.44
N SER B 37 10.25 -27.18 33.30
CA SER B 37 10.53 -25.84 33.72
C SER B 37 11.76 -25.33 33.05
N SER B 38 12.03 -24.04 33.25
CA SER B 38 13.21 -23.33 32.72
C SER B 38 13.38 -23.13 31.22
N PRO B 39 12.64 -22.12 30.67
CA PRO B 39 12.81 -21.96 29.24
C PRO B 39 14.19 -21.49 28.95
N GLU B 40 14.90 -21.08 29.97
CA GLU B 40 16.24 -20.59 29.78
C GLU B 40 17.29 -21.65 29.64
N VAL B 41 17.09 -22.81 30.21
CA VAL B 41 18.08 -23.87 30.07
C VAL B 41 17.91 -24.54 28.74
N TRP B 42 16.67 -24.79 28.42
CA TRP B 42 16.32 -25.48 27.22
C TRP B 42 16.44 -24.66 25.96
N GLY B 43 16.15 -23.38 26.06
CA GLY B 43 16.25 -22.51 24.93
C GLY B 43 17.50 -21.67 24.81
N THR B 44 18.26 -21.55 25.87
CA THR B 44 19.45 -20.72 25.83
C THR B 44 20.70 -21.45 26.27
N TYR B 45 20.67 -22.03 27.45
CA TYR B 45 21.81 -22.76 27.96
C TYR B 45 22.18 -23.95 27.11
N LEU B 46 21.23 -24.71 26.65
CA LEU B 46 21.57 -25.87 25.85
C LEU B 46 22.21 -25.55 24.56
N PRO B 47 21.47 -24.71 23.74
CA PRO B 47 22.11 -24.38 22.49
C PRO B 47 23.51 -23.83 22.68
N ASP B 48 23.82 -23.05 23.71
CA ASP B 48 25.17 -22.56 23.88
C ASP B 48 26.17 -23.65 24.21
N LEU B 49 25.75 -24.63 25.00
CA LEU B 49 26.60 -25.71 25.38
C LEU B 49 26.91 -26.59 24.22
N ALA B 50 25.99 -26.67 23.27
CA ALA B 50 26.16 -27.50 22.11
C ALA B 50 27.31 -27.11 21.23
N PHE B 51 27.73 -25.87 21.27
CA PHE B 51 28.84 -25.44 20.45
C PHE B 51 30.12 -25.87 21.08
N LYS B 52 30.08 -26.14 22.37
CA LYS B 52 31.24 -26.56 23.10
C LYS B 52 31.40 -28.07 23.17
N TYR B 53 30.30 -28.79 23.15
CA TYR B 53 30.37 -30.23 23.25
C TYR B 53 29.66 -30.95 22.11
N PRO B 54 30.51 -31.49 21.16
CA PRO B 54 29.85 -32.13 20.03
C PRO B 54 28.85 -33.17 20.43
N PHE B 55 29.06 -33.80 21.56
CA PHE B 55 28.14 -34.82 22.01
C PHE B 55 26.72 -34.32 22.27
N LEU B 56 26.58 -33.11 22.76
CA LEU B 56 25.26 -32.58 23.02
C LEU B 56 24.70 -32.08 21.73
N MET B 57 25.54 -31.59 20.86
CA MET B 57 25.11 -31.08 19.59
C MET B 57 24.51 -32.21 18.76
N HIS B 58 25.10 -33.38 18.77
CA HIS B 58 24.58 -34.49 18.02
C HIS B 58 23.33 -35.01 18.63
N SER B 59 23.11 -34.76 19.90
CA SER B 59 21.89 -35.20 20.55
C SER B 59 20.80 -34.27 20.17
N MET B 60 21.09 -32.99 20.15
CA MET B 60 20.12 -32.00 19.83
C MET B 60 19.66 -32.05 18.40
N LEU B 61 20.55 -32.36 17.50
CA LEU B 61 20.17 -32.43 16.11
C LEU B 61 19.38 -33.64 15.83
N ALA B 62 19.74 -34.74 16.42
CA ALA B 62 19.02 -35.98 16.22
C ALA B 62 17.62 -35.81 16.72
N PHE B 63 17.51 -35.19 17.86
CA PHE B 63 16.20 -34.91 18.44
C PHE B 63 15.35 -34.08 17.50
N SER B 64 15.85 -32.92 17.09
CA SER B 64 15.00 -32.04 16.29
C SER B 64 14.71 -32.64 14.91
N ALA B 65 15.58 -33.49 14.40
CA ALA B 65 15.25 -34.16 13.15
C ALA B 65 14.23 -35.26 13.37
N THR B 66 14.22 -35.88 14.55
CA THR B 66 13.13 -36.80 14.85
C THR B 66 11.79 -36.09 14.85
N HIS B 67 11.73 -34.92 15.49
CA HIS B 67 10.50 -34.13 15.46
C HIS B 67 10.14 -33.67 14.04
N LEU B 68 11.11 -33.12 13.31
CA LEU B 68 10.86 -32.72 11.94
C LEU B 68 10.44 -33.91 11.08
N SER B 69 10.90 -35.08 11.40
CA SER B 69 10.50 -36.22 10.63
C SER B 69 8.99 -36.30 10.63
N ARG B 70 8.33 -35.63 11.56
CA ARG B 70 6.89 -35.67 11.64
C ARG B 70 6.18 -35.01 10.49
N THR B 71 6.74 -33.94 9.96
CA THR B 71 6.13 -33.26 8.87
C THR B 71 6.98 -33.23 7.60
N GLN B 72 8.29 -33.29 7.72
CA GLN B 72 9.14 -33.25 6.55
C GLN B 72 9.64 -34.65 6.32
N PRO B 73 9.53 -35.12 5.09
CA PRO B 73 10.02 -36.44 4.72
C PRO B 73 11.51 -36.46 4.46
N GLY B 74 12.12 -37.63 4.34
CA GLY B 74 13.51 -37.73 4.02
C GLY B 74 14.62 -37.56 5.03
N LEU B 75 14.29 -37.55 6.32
CA LEU B 75 15.28 -37.37 7.34
C LEU B 75 15.59 -38.60 8.14
N ASP B 76 15.12 -39.77 7.75
CA ASP B 76 15.39 -40.97 8.54
C ASP B 76 16.85 -41.28 8.68
N ASP B 77 17.67 -40.86 7.76
CA ASP B 77 19.04 -41.18 7.99
C ASP B 77 19.75 -40.17 8.85
N TYR B 78 19.27 -38.94 8.91
CA TYR B 78 19.88 -37.96 9.77
C TYR B 78 19.66 -38.48 11.17
N VAL B 79 18.40 -38.73 11.50
CA VAL B 79 18.03 -39.21 12.81
C VAL B 79 18.86 -40.37 13.25
N ALA B 80 18.98 -41.35 12.40
CA ALA B 80 19.71 -42.54 12.70
C ALA B 80 21.16 -42.32 12.86
N SER B 81 21.73 -41.53 11.99
CA SER B 81 23.15 -41.28 12.04
C SER B 81 23.55 -40.39 13.18
N HIS B 82 22.71 -39.43 13.52
CA HIS B 82 23.02 -38.54 14.62
C HIS B 82 22.86 -39.16 15.98
N ARG B 83 21.95 -40.09 16.13
CA ARG B 83 21.74 -40.72 17.39
C ARG B 83 22.96 -41.53 17.67
N LEU B 84 23.40 -42.25 16.67
CA LEU B 84 24.59 -43.06 16.81
C LEU B 84 25.82 -42.27 17.21
N SER B 85 26.07 -41.14 16.58
CA SER B 85 27.22 -40.33 16.94
C SER B 85 27.12 -39.85 18.36
N ALA B 86 25.92 -39.51 18.74
CA ALA B 86 25.61 -39.04 20.05
C ALA B 86 25.80 -40.08 21.11
N LEU B 87 25.52 -41.32 20.80
CA LEU B 87 25.69 -42.35 21.76
C LEU B 87 27.16 -42.59 21.86
N LYS B 88 27.82 -42.66 20.72
CA LYS B 88 29.23 -42.89 20.71
C LYS B 88 30.05 -41.86 21.46
N LEU B 89 29.84 -40.59 21.11
CA LEU B 89 30.57 -39.48 21.73
C LEU B 89 30.21 -39.46 23.21
N LEU B 90 28.95 -39.71 23.52
CA LEU B 90 28.42 -39.71 24.90
C LEU B 90 29.08 -40.82 25.72
N ARG B 91 29.29 -42.01 25.14
CA ARG B 91 29.91 -43.14 25.88
C ARG B 91 31.40 -42.88 26.08
N GLU B 92 32.05 -42.25 25.10
CA GLU B 92 33.48 -41.86 25.19
C GLU B 92 33.65 -40.73 26.21
N ALA B 93 32.72 -39.79 26.22
CA ALA B 93 32.76 -38.61 27.11
C ALA B 93 32.66 -39.07 28.56
N VAL B 94 31.88 -40.10 28.85
CA VAL B 94 31.74 -40.58 30.25
C VAL B 94 33.08 -41.05 30.81
N LEU B 95 33.96 -41.60 29.99
CA LEU B 95 35.29 -42.01 30.47
C LEU B 95 35.99 -40.77 31.06
N GLU B 96 35.94 -39.59 30.45
CA GLU B 96 36.60 -38.46 31.13
C GLU B 96 35.57 -37.40 31.46
N ILE B 97 35.06 -37.40 32.69
CA ILE B 97 34.06 -36.38 33.11
C ILE B 97 34.83 -35.21 33.73
N SER B 98 34.51 -33.98 33.30
CA SER B 98 35.12 -32.77 33.78
C SER B 98 34.00 -32.19 34.56
N ASP B 99 34.08 -30.92 34.90
CA ASP B 99 33.01 -30.31 35.65
C ASP B 99 32.29 -29.24 34.87
N ASP B 100 32.86 -28.89 33.74
CA ASP B 100 32.28 -27.94 32.84
C ASP B 100 31.49 -28.69 31.80
N ASN B 101 31.77 -29.97 31.65
CA ASN B 101 31.03 -30.80 30.73
C ASN B 101 30.00 -31.67 31.40
N THR B 102 29.74 -31.42 32.67
CA THR B 102 28.78 -32.19 33.39
C THR B 102 27.35 -31.84 33.09
N ASP B 103 27.04 -30.58 32.89
CA ASP B 103 25.67 -30.21 32.59
C ASP B 103 25.35 -30.60 31.17
N ALA B 104 26.36 -30.59 30.35
CA ALA B 104 26.22 -30.94 28.97
C ALA B 104 25.94 -32.41 28.80
N LEU B 105 26.41 -33.22 29.72
CA LEU B 105 26.19 -34.64 29.68
C LEU B 105 24.83 -34.96 30.18
N VAL B 106 24.45 -34.32 31.25
CA VAL B 106 23.16 -34.52 31.81
C VAL B 106 22.17 -34.13 30.75
N ALA B 107 22.43 -32.99 30.15
CA ALA B 107 21.59 -32.44 29.13
C ALA B 107 21.38 -33.34 27.93
N SER B 108 22.44 -33.95 27.43
CA SER B 108 22.28 -34.79 26.29
C SER B 108 21.68 -36.10 26.69
N SER B 109 21.84 -36.49 27.93
CA SER B 109 21.26 -37.73 28.41
C SER B 109 19.77 -37.65 28.36
N LEU B 110 19.22 -36.55 28.82
CA LEU B 110 17.78 -36.38 28.86
C LEU B 110 17.19 -36.26 27.49
N ILE B 111 17.95 -35.70 26.58
CA ILE B 111 17.51 -35.51 25.25
C ILE B 111 17.51 -36.84 24.57
N LEU B 112 18.51 -37.63 24.82
CA LEU B 112 18.62 -38.95 24.23
C LEU B 112 17.52 -39.84 24.75
N ILE B 113 17.02 -39.59 25.95
CA ILE B 113 15.93 -40.38 26.47
C ILE B 113 14.65 -40.00 25.73
N MET B 114 14.35 -38.73 25.66
CA MET B 114 13.16 -38.26 24.98
C MET B 114 13.18 -38.70 23.55
N ASP B 115 14.32 -38.61 22.92
CA ASP B 115 14.49 -39.02 21.57
C ASP B 115 14.42 -40.51 21.32
N SER B 116 14.77 -41.31 22.29
CA SER B 116 14.73 -42.71 22.08
C SER B 116 13.34 -43.26 22.31
N LEU B 117 12.57 -42.60 23.15
CA LEU B 117 11.23 -43.03 23.38
C LEU B 117 10.41 -42.63 22.19
N ALA B 118 10.79 -41.53 21.55
CA ALA B 118 10.07 -41.11 20.34
C ALA B 118 10.40 -42.08 19.20
N ASN B 119 11.61 -42.62 19.19
CA ASN B 119 12.06 -43.48 18.07
C ASN B 119 11.79 -44.95 18.34
N ALA B 120 11.11 -45.25 19.42
CA ALA B 120 10.74 -46.64 19.68
C ALA B 120 9.46 -46.90 18.86
N SER B 121 9.62 -47.24 17.57
CA SER B 121 8.53 -47.54 16.60
C SER B 121 7.87 -48.86 17.01
N ASN B 122 8.75 -49.72 17.50
CA ASN B 122 8.70 -51.10 18.03
C ASN B 122 10.20 -51.39 17.95
N SER B 123 10.70 -51.43 16.71
CA SER B 123 12.16 -51.43 16.43
C SER B 123 12.96 -52.36 17.35
N ASN B 124 12.64 -53.66 17.30
CA ASN B 124 13.13 -54.82 18.09
C ASN B 124 12.26 -54.94 19.34
N PRO B 125 12.72 -54.26 20.52
CA PRO B 125 13.26 -52.74 21.02
C PRO B 125 14.73 -52.55 21.45
N THR B 126 15.59 -53.45 21.05
CA THR B 126 17.01 -53.51 21.42
C THR B 126 17.69 -52.19 21.05
N ALA B 127 17.48 -51.64 19.87
CA ALA B 127 18.20 -50.38 19.54
C ALA B 127 17.80 -49.23 20.45
N TRP B 128 16.52 -49.01 20.66
CA TRP B 128 16.06 -47.88 21.50
C TRP B 128 16.53 -48.12 22.93
N ILE B 129 16.44 -49.37 23.38
CA ILE B 129 16.81 -49.75 24.76
C ILE B 129 18.30 -49.52 24.96
N PHE B 130 19.09 -49.86 23.96
CA PHE B 130 20.55 -49.71 23.98
C PHE B 130 20.92 -48.24 24.06
N HIS B 131 20.21 -47.40 23.31
CA HIS B 131 20.55 -45.96 23.41
C HIS B 131 20.22 -45.48 24.82
N VAL B 132 19.06 -45.89 25.33
CA VAL B 132 18.64 -45.42 26.67
C VAL B 132 19.64 -45.90 27.72
N LYS B 133 20.18 -47.09 27.53
CA LYS B 133 21.14 -47.64 28.44
C LYS B 133 22.32 -46.74 28.60
N GLY B 134 22.86 -46.27 27.48
CA GLY B 134 23.98 -45.38 27.47
C GLY B 134 23.69 -44.13 28.26
N ALA B 135 22.52 -43.57 28.06
CA ALA B 135 22.14 -42.39 28.77
C ALA B 135 21.92 -42.64 30.23
N VAL B 136 21.63 -43.87 30.63
CA VAL B 136 21.42 -44.16 32.01
C VAL B 136 22.75 -44.31 32.63
N THR B 137 23.72 -44.80 31.91
CA THR B 137 25.04 -44.96 32.46
C THR B 137 25.80 -43.65 32.61
N ILE B 138 25.52 -42.69 31.76
CA ILE B 138 26.15 -41.41 31.82
C ILE B 138 25.59 -40.70 33.00
N LEU B 139 24.29 -40.74 33.16
CA LEU B 139 23.64 -40.09 34.25
C LEU B 139 24.03 -40.67 35.58
N THR B 140 24.14 -41.97 35.66
CA THR B 140 24.50 -42.63 36.88
C THR B 140 25.86 -42.16 37.26
N ALA B 141 26.70 -42.01 36.26
CA ALA B 141 28.05 -41.59 36.40
C ALA B 141 28.23 -40.22 36.96
N VAL B 142 27.45 -39.26 36.51
CA VAL B 142 27.60 -37.93 36.99
C VAL B 142 26.82 -37.62 38.25
N TRP B 143 25.95 -38.49 38.69
CA TRP B 143 25.21 -38.19 39.91
C TRP B 143 25.97 -38.70 41.14
N PRO B 144 26.06 -37.91 42.20
CA PRO B 144 25.45 -36.60 42.37
C PRO B 144 26.05 -35.41 41.70
N LEU B 145 25.17 -34.50 41.35
CA LEU B 145 25.57 -33.30 40.70
C LEU B 145 25.90 -32.28 41.72
N PRO B 146 26.87 -31.37 41.36
CA PRO B 146 27.11 -30.30 42.34
C PRO B 146 25.79 -29.55 42.51
N GLU B 147 25.60 -28.83 43.60
CA GLU B 147 24.36 -28.11 43.76
C GLU B 147 24.35 -26.88 42.86
N THR B 148 25.52 -26.60 42.32
CA THR B 148 25.82 -25.53 41.42
C THR B 148 25.14 -25.76 40.06
N SER B 149 24.76 -26.99 39.76
CA SER B 149 24.17 -27.37 38.51
C SER B 149 22.79 -26.83 38.30
N LYS B 150 22.58 -26.27 37.11
CA LYS B 150 21.23 -25.77 36.76
C LYS B 150 20.33 -26.99 36.55
N PHE B 151 20.91 -28.18 36.52
CA PHE B 151 20.17 -29.44 36.30
C PHE B 151 19.91 -30.11 37.63
N TYR B 152 20.23 -29.48 38.76
CA TYR B 152 19.99 -30.10 40.09
C TYR B 152 18.55 -29.89 40.58
N ASN B 153 17.57 -30.15 39.72
CA ASN B 153 16.10 -30.14 39.90
C ASN B 153 15.56 -31.22 38.93
N LEU B 154 16.38 -32.25 38.67
CA LEU B 154 15.99 -33.52 37.99
C LEU B 154 15.87 -34.60 39.08
N ILE B 155 16.03 -34.19 40.34
CA ILE B 155 15.95 -34.96 41.61
C ILE B 155 14.83 -34.37 42.44
N SER B 156 14.76 -34.88 43.65
CA SER B 156 13.93 -34.37 44.72
C SER B 156 14.65 -34.54 46.06
N VAL B 157 14.27 -33.72 47.05
CA VAL B 157 14.81 -33.74 48.42
C VAL B 157 14.55 -35.04 49.15
N ASP B 158 15.24 -35.28 50.27
CA ASP B 158 15.05 -36.50 51.06
C ASP B 158 16.14 -36.72 52.12
N ILE B 165 5.41 -39.01 55.65
CA ILE B 165 6.74 -39.58 55.28
C ILE B 165 6.80 -41.04 55.76
N VAL B 166 7.83 -41.77 55.30
CA VAL B 166 8.11 -43.22 55.58
C VAL B 166 8.39 -43.39 57.07
N ASP B 167 7.96 -44.54 57.64
CA ASP B 167 8.22 -45.02 59.03
C ASP B 167 7.37 -44.30 60.08
N LYS B 168 6.50 -45.02 60.80
CA LYS B 168 5.70 -44.25 61.79
C LYS B 168 5.25 -45.10 62.98
N ASP B 169 5.45 -44.56 64.19
CA ASP B 169 4.98 -45.02 65.53
C ASP B 169 5.65 -46.31 66.04
N THR B 170 6.69 -46.78 65.34
CA THR B 170 7.42 -48.01 65.66
C THR B 170 8.79 -47.88 65.00
N GLY B 171 8.99 -46.76 64.32
CA GLY B 171 10.27 -46.51 63.66
C GLY B 171 10.64 -47.40 62.50
N THR B 172 9.64 -47.80 61.73
CA THR B 172 9.84 -48.67 60.58
C THR B 172 8.66 -48.48 59.66
N ILE B 173 8.95 -48.21 58.39
CA ILE B 173 7.87 -47.99 57.43
C ILE B 173 6.81 -49.02 57.55
N THR B 174 5.58 -48.56 57.66
CA THR B 174 4.48 -49.47 57.76
C THR B 174 3.55 -49.23 56.62
N GLU B 175 3.67 -48.07 55.98
CA GLU B 175 2.73 -47.78 54.87
C GLU B 175 3.34 -46.72 53.95
N LEU B 176 3.23 -46.98 52.66
CA LEU B 176 3.69 -46.05 51.61
C LEU B 176 2.47 -45.80 50.73
N VAL B 177 2.17 -44.55 50.43
CA VAL B 177 1.02 -44.24 49.51
C VAL B 177 1.38 -44.61 48.06
N CYS B 178 2.68 -44.64 47.73
CA CYS B 178 3.13 -44.85 46.34
C CYS B 178 2.55 -46.14 45.76
N CYS B 179 2.50 -47.23 46.51
CA CYS B 179 1.94 -48.44 45.88
C CYS B 179 1.16 -49.30 46.87
N ASP B 180 1.49 -49.17 48.17
CA ASP B 180 1.03 -49.91 49.39
C ASP B 180 0.83 -51.44 49.29
N ASP B 181 0.23 -52.00 48.23
CA ASP B 181 0.02 -53.47 48.11
C ASP B 181 1.12 -54.09 47.23
N ASP B 182 1.97 -53.27 46.63
CA ASP B 182 3.01 -53.83 45.72
C ASP B 182 4.28 -54.29 46.44
N ILE B 183 4.49 -53.91 47.70
CA ILE B 183 5.74 -54.35 48.39
C ILE B 183 5.43 -54.86 49.80
N ALA B 184 4.14 -55.09 50.11
CA ALA B 184 3.64 -55.46 51.45
C ALA B 184 4.56 -56.43 52.17
N ASP B 185 4.88 -57.52 51.46
CA ASP B 185 5.79 -58.61 51.91
C ASP B 185 7.00 -58.00 52.62
N LEU B 186 7.51 -56.89 52.06
CA LEU B 186 8.66 -56.15 52.63
C LEU B 186 8.30 -55.43 53.92
N TYR B 187 7.06 -54.96 54.03
CA TYR B 187 6.58 -54.26 55.23
C TYR B 187 6.72 -55.18 56.45
N PRO B 188 7.08 -54.66 57.65
CA PRO B 188 7.68 -53.35 57.80
C PRO B 188 9.18 -53.28 57.49
N VAL B 189 9.67 -52.05 57.25
CA VAL B 189 11.09 -51.82 56.84
C VAL B 189 11.80 -51.00 57.92
N ASP B 190 12.97 -51.48 58.36
CA ASP B 190 13.83 -50.86 59.39
C ASP B 190 14.53 -49.63 58.82
N LEU B 191 15.05 -48.77 59.69
CA LEU B 191 15.82 -47.62 59.17
C LEU B 191 17.15 -48.15 58.66
N ASP B 192 17.45 -49.37 59.07
CA ASP B 192 18.65 -50.04 58.69
C ASP B 192 18.54 -50.65 57.31
N SER B 193 17.30 -50.92 56.94
CA SER B 193 17.00 -51.54 55.68
C SER B 193 17.82 -50.96 54.57
N PRO B 194 18.09 -51.81 53.51
CA PRO B 194 18.86 -51.21 52.44
C PRO B 194 17.78 -50.73 51.55
N TYR B 195 16.58 -51.20 51.80
CA TYR B 195 15.56 -50.70 50.91
C TYR B 195 15.04 -49.32 51.26
N LEU B 196 15.37 -48.83 52.43
CA LEU B 196 14.85 -47.54 52.87
C LEU B 196 14.95 -46.36 51.92
N ILE B 197 16.16 -46.01 51.54
CA ILE B 197 16.44 -44.85 50.69
C ILE B 197 15.57 -44.85 49.45
N THR B 198 15.65 -45.94 48.66
CA THR B 198 14.87 -46.02 47.42
C THR B 198 13.40 -45.81 47.69
N LEU B 199 12.86 -46.51 48.68
CA LEU B 199 11.42 -46.47 48.95
C LEU B 199 10.98 -45.05 49.27
N ALA B 200 11.82 -44.33 50.04
CA ALA B 200 11.52 -42.94 50.37
C ALA B 200 11.61 -42.07 49.11
N TYR B 201 12.73 -42.16 48.39
CA TYR B 201 12.90 -41.58 47.06
C TYR B 201 11.66 -41.83 46.20
N LEU B 202 11.31 -43.11 46.03
CA LEU B 202 10.19 -43.47 45.15
C LEU B 202 8.86 -42.91 45.67
N ASP B 203 8.60 -43.04 46.96
CA ASP B 203 7.34 -42.55 47.48
C ASP B 203 7.29 -41.04 47.39
N LYS B 204 8.39 -40.38 47.73
CA LYS B 204 8.43 -38.93 47.73
C LYS B 204 8.24 -38.37 46.32
N LEU B 205 8.90 -38.98 45.34
CA LEU B 205 8.68 -38.62 43.94
C LEU B 205 7.22 -38.80 43.55
N TYR B 206 6.59 -39.87 44.03
CA TYR B 206 5.18 -40.12 43.68
C TYR B 206 4.27 -39.01 44.19
N ARG B 207 4.47 -38.51 45.39
CA ARG B 207 3.57 -37.48 45.84
C ARG B 207 4.05 -36.16 45.26
N GLU B 208 4.45 -36.18 44.02
CA GLU B 208 4.97 -35.00 43.39
C GLU B 208 4.53 -34.92 41.95
N LYS B 209 3.54 -35.71 41.58
CA LYS B 209 3.09 -35.72 40.22
C LYS B 209 2.54 -34.42 39.67
N ASN B 210 1.95 -33.60 40.51
CA ASN B 210 1.38 -32.35 40.05
C ASN B 210 2.37 -31.23 40.25
N GLN B 211 3.50 -31.31 39.58
CA GLN B 211 4.52 -30.32 39.74
C GLN B 211 5.45 -30.28 38.54
N LEU B 212 6.18 -29.21 38.39
CA LEU B 212 7.06 -29.04 37.23
C LEU B 212 8.32 -29.85 37.25
N ASP B 213 8.65 -30.42 36.10
CA ASP B 213 9.82 -31.27 35.95
C ASP B 213 9.63 -32.66 36.53
N TYR B 214 8.38 -33.07 36.78
CA TYR B 214 8.08 -34.42 37.24
C TYR B 214 8.57 -35.47 36.24
N ILE B 215 8.29 -35.23 34.96
CA ILE B 215 8.72 -36.13 33.89
C ILE B 215 10.23 -36.37 33.96
N LEU B 216 11.02 -35.34 34.34
CA LEU B 216 12.48 -35.49 34.39
C LEU B 216 12.92 -36.16 35.69
N ARG B 217 12.18 -35.96 36.78
CA ARG B 217 12.45 -36.72 37.98
C ARG B 217 12.14 -38.19 37.77
N VAL B 218 10.99 -38.50 37.17
CA VAL B 218 10.63 -39.87 36.88
C VAL B 218 11.68 -40.49 35.96
N PHE B 219 12.20 -39.68 35.04
CA PHE B 219 13.18 -40.18 34.06
C PHE B 219 14.50 -40.52 34.73
N ALA B 220 14.98 -39.67 35.65
CA ALA B 220 16.28 -39.87 36.28
C ALA B 220 16.28 -40.94 37.35
N PHE B 221 15.12 -41.39 37.83
CA PHE B 221 15.09 -42.26 39.00
C PHE B 221 16.04 -43.46 38.88
N PRO B 222 16.07 -44.23 37.81
CA PRO B 222 16.95 -45.40 37.79
C PRO B 222 18.44 -45.07 37.94
N ALA B 223 18.86 -43.88 37.54
CA ALA B 223 20.25 -43.46 37.62
C ALA B 223 20.63 -42.91 39.00
N LEU B 224 19.64 -42.58 39.84
CA LEU B 224 19.91 -41.97 41.14
C LEU B 224 19.65 -42.91 42.31
N LEU B 225 19.46 -44.20 42.06
CA LEU B 225 19.50 -45.19 43.13
C LEU B 225 20.88 -45.18 43.79
N ASP B 226 20.92 -45.36 45.10
CA ASP B 226 22.22 -45.44 45.75
C ASP B 226 22.90 -46.74 45.38
N ARG B 227 24.22 -46.71 45.37
CA ARG B 227 24.99 -47.83 44.83
C ARG B 227 24.71 -49.11 45.59
N THR B 228 24.61 -49.02 46.92
CA THR B 228 24.27 -50.17 47.72
C THR B 228 23.03 -50.85 47.16
N PHE B 229 21.93 -50.09 47.04
CA PHE B 229 20.70 -50.66 46.51
C PHE B 229 20.92 -51.23 45.12
N LEU B 230 21.70 -50.53 44.31
CA LEU B 230 21.81 -50.89 42.92
C LEU B 230 22.66 -52.13 42.74
N THR B 231 23.75 -52.20 43.47
CA THR B 231 24.58 -53.36 43.36
C THR B 231 23.78 -54.52 43.86
N LEU B 232 22.84 -54.25 44.75
CA LEU B 232 22.00 -55.26 45.30
C LEU B 232 21.00 -55.65 44.28
N LEU B 233 20.53 -54.71 43.51
CA LEU B 233 19.53 -55.01 42.51
C LEU B 233 20.09 -55.87 41.38
N MET B 234 21.31 -55.56 40.94
CA MET B 234 21.91 -56.33 39.85
C MET B 234 22.24 -57.77 40.24
N THR B 235 22.32 -58.08 41.53
CA THR B 235 22.40 -59.49 41.88
C THR B 235 21.07 -60.20 41.71
N GLY B 236 20.02 -59.50 41.27
CA GLY B 236 18.72 -60.11 41.12
C GLY B 236 17.92 -60.22 42.38
N ASP B 237 18.33 -59.54 43.46
CA ASP B 237 17.62 -59.62 44.73
C ASP B 237 16.13 -59.34 44.53
N LEU B 238 15.30 -60.13 45.15
CA LEU B 238 13.86 -59.99 44.97
C LEU B 238 13.18 -58.80 45.54
N GLY B 239 13.74 -58.23 46.58
CA GLY B 239 13.12 -57.09 47.21
C GLY B 239 13.26 -55.88 46.38
N ALA B 240 14.47 -55.66 45.90
CA ALA B 240 14.82 -54.55 45.07
C ALA B 240 14.06 -54.61 43.78
N MET B 241 14.05 -55.78 43.17
CA MET B 241 13.35 -55.99 41.94
C MET B 241 11.89 -55.74 42.18
N ARG B 242 11.31 -56.27 43.23
CA ARG B 242 9.93 -55.85 43.47
C ARG B 242 9.84 -54.34 43.55
N ILE B 243 10.81 -53.69 44.23
CA ILE B 243 10.79 -52.24 44.36
C ILE B 243 10.73 -51.57 42.99
N MET B 244 11.57 -52.04 42.05
CA MET B 244 11.64 -51.41 40.74
C MET B 244 10.37 -51.65 39.94
N ARG B 245 9.74 -52.81 40.10
CA ARG B 245 8.44 -53.00 39.47
C ARG B 245 7.47 -51.91 39.88
N SER B 246 7.62 -51.35 41.09
CA SER B 246 6.75 -50.23 41.48
C SER B 246 7.11 -48.97 40.72
N TYR B 247 8.41 -48.67 40.61
CA TYR B 247 8.83 -47.59 39.72
C TYR B 247 8.26 -47.78 38.32
N TYR B 248 8.33 -49.02 37.82
CA TYR B 248 7.84 -49.29 36.47
C TYR B 248 6.35 -48.99 36.33
N LYS B 249 5.55 -49.39 37.33
CA LYS B 249 4.13 -49.04 37.27
C LYS B 249 3.92 -47.54 37.21
N LEU B 250 4.81 -46.80 37.82
CA LEU B 250 4.67 -45.38 37.83
C LEU B 250 5.07 -44.81 36.50
N LEU B 251 6.17 -45.29 35.96
CA LEU B 251 6.67 -44.82 34.72
C LEU B 251 5.75 -45.12 33.61
N ARG B 252 5.29 -46.35 33.51
CA ARG B 252 4.40 -46.68 32.42
C ARG B 252 3.09 -45.96 32.47
N ASN B 253 2.49 -45.84 33.63
CA ASN B 253 1.22 -45.18 33.75
C ASN B 253 1.32 -43.69 33.56
N TYR B 254 2.43 -43.08 33.94
CA TYR B 254 2.56 -41.67 33.74
C TYR B 254 2.76 -41.41 32.28
N THR B 255 3.51 -42.28 31.61
CA THR B 255 3.79 -42.12 30.19
C THR B 255 2.63 -42.32 29.26
N THR B 256 1.85 -43.35 29.45
CA THR B 256 0.73 -43.60 28.57
C THR B 256 -0.43 -42.65 28.77
N GLU B 257 -0.43 -41.98 29.91
CA GLU B 257 -1.54 -41.05 30.20
C GLU B 257 -1.30 -39.71 29.50
N ILE B 258 -0.04 -39.31 29.32
CA ILE B 258 0.29 -38.00 28.71
C ILE B 258 0.74 -38.15 27.26
N MET B 259 0.43 -39.28 26.62
CA MET B 259 0.86 -39.49 25.21
C MET B 259 0.30 -38.37 24.33
N ASP B 260 -0.95 -37.97 24.52
CA ASP B 260 -1.58 -36.87 23.74
C ASP B 260 -0.84 -35.55 24.01
N ARG B 261 -0.39 -35.32 25.23
CA ARG B 261 0.35 -34.10 25.64
C ARG B 261 1.76 -34.00 25.06
N ALA B 262 2.54 -35.08 25.10
CA ALA B 262 3.95 -35.03 24.68
C ALA B 262 4.15 -35.77 23.38
N TRP B 263 4.65 -35.10 22.35
CA TRP B 263 4.78 -35.77 21.08
C TRP B 263 5.70 -36.94 21.04
N PHE B 264 6.62 -36.92 21.95
CA PHE B 264 7.69 -37.91 21.95
C PHE B 264 7.42 -39.07 22.87
N LEU B 265 6.32 -39.07 23.61
CA LEU B 265 5.89 -40.23 24.37
C LEU B 265 4.81 -41.02 23.63
N GLU B 266 4.57 -40.67 22.38
CA GLU B 266 3.56 -41.31 21.57
C GLU B 266 3.94 -42.70 21.16
N GLY B 267 3.07 -43.64 21.44
CA GLY B 267 3.31 -45.01 21.08
C GLY B 267 4.19 -45.72 22.05
N VAL B 268 4.39 -45.16 23.21
CA VAL B 268 5.21 -45.74 24.24
C VAL B 268 4.52 -46.91 24.88
N SER B 269 3.21 -46.96 24.76
CA SER B 269 2.43 -48.02 25.31
C SER B 269 2.73 -49.28 24.57
N GLN B 270 3.09 -49.15 23.32
CA GLN B 270 3.40 -50.29 22.52
C GLN B 270 4.77 -50.84 22.73
N VAL B 271 5.64 -50.12 23.39
CA VAL B 271 6.98 -50.60 23.58
C VAL B 271 7.27 -50.94 25.00
N LEU B 272 6.37 -50.58 25.89
CA LEU B 272 6.53 -50.90 27.28
C LEU B 272 5.38 -51.78 27.72
N PRO B 273 5.73 -53.10 27.92
CA PRO B 273 4.62 -53.96 28.33
C PRO B 273 4.07 -53.82 29.73
N ARG B 274 2.86 -54.28 29.92
CA ARG B 274 2.15 -54.21 31.19
C ARG B 274 2.81 -55.05 32.28
N ASP B 275 3.00 -56.31 31.97
CA ASP B 275 3.77 -57.34 32.65
C ASP B 275 5.18 -57.31 32.10
N VAL B 276 6.16 -57.07 32.98
CA VAL B 276 7.54 -57.12 32.53
C VAL B 276 7.90 -58.51 31.98
N ASP B 277 7.19 -59.56 32.41
CA ASP B 277 7.41 -60.88 31.85
C ASP B 277 7.17 -60.89 30.36
N ASP B 278 6.39 -59.99 29.85
CA ASP B 278 6.19 -60.05 28.47
C ASP B 278 7.24 -59.28 27.75
N TYR B 279 8.37 -59.03 28.39
CA TYR B 279 9.44 -58.29 27.74
C TYR B 279 9.78 -59.01 26.49
N SER B 280 10.04 -58.29 25.42
CA SER B 280 10.34 -58.91 24.16
C SER B 280 11.74 -59.39 23.98
N GLY B 281 12.64 -58.97 24.82
CA GLY B 281 14.03 -59.37 24.68
C GLY B 281 14.41 -60.50 25.58
N GLY B 282 13.49 -60.91 26.41
CA GLY B 282 13.74 -61.97 27.32
C GLY B 282 12.80 -61.80 28.46
N GLY B 283 13.28 -62.11 29.64
CA GLY B 283 12.48 -61.97 30.81
C GLY B 283 12.78 -60.72 31.58
N GLY B 284 11.97 -60.47 32.59
CA GLY B 284 12.07 -59.33 33.46
C GLY B 284 13.47 -59.12 33.91
N MET B 285 14.18 -60.20 34.20
CA MET B 285 15.56 -60.05 34.62
C MET B 285 16.29 -59.65 33.41
N HIS B 286 15.85 -59.96 32.23
CA HIS B 286 16.65 -59.49 31.13
C HIS B 286 16.38 -58.05 30.81
N MET B 287 15.20 -57.59 31.10
CA MET B 287 14.83 -56.24 30.85
C MET B 287 15.47 -55.25 31.80
N MET B 288 16.08 -55.73 32.85
CA MET B 288 16.73 -54.90 33.78
C MET B 288 18.16 -54.72 33.34
N LEU B 289 18.72 -55.79 32.83
CA LEU B 289 20.08 -55.77 32.38
C LEU B 289 20.30 -55.01 31.11
N ASP B 290 19.27 -54.87 30.31
CA ASP B 290 19.35 -54.17 29.06
C ASP B 290 19.28 -52.69 29.27
N PHE B 291 18.75 -52.32 30.41
CA PHE B 291 18.62 -50.95 30.82
C PHE B 291 19.72 -50.50 31.77
N LEU B 292 20.18 -51.36 32.66
CA LEU B 292 21.21 -50.97 33.60
C LEU B 292 22.58 -51.65 33.42
N GLY B 293 23.61 -50.92 33.77
CA GLY B 293 25.00 -51.36 33.60
C GLY B 293 25.76 -50.36 32.76
N GLY B 294 26.91 -49.90 33.25
CA GLY B 294 27.66 -48.87 32.51
C GLY B 294 28.51 -49.50 31.45
N GLY B 295 29.77 -49.74 31.79
CA GLY B 295 30.78 -50.40 30.95
C GLY B 295 32.16 -50.22 31.54
N LEU B 296 32.57 -51.11 32.43
CA LEU B 296 33.94 -51.12 32.99
C LEU B 296 34.77 -52.17 32.27
N LEU C 12 -5.20 10.93 -11.72
CA LEU C 12 -5.46 12.06 -12.61
C LEU C 12 -4.95 11.84 -14.04
N GLY C 13 -5.84 11.45 -14.95
CA GLY C 13 -5.48 11.24 -16.34
C GLY C 13 -6.47 11.93 -17.27
N LEU C 14 -6.55 11.40 -18.50
CA LEU C 14 -7.37 11.98 -19.56
C LEU C 14 -8.83 11.48 -19.52
N VAL C 15 -9.05 10.25 -19.07
CA VAL C 15 -10.42 9.79 -18.89
C VAL C 15 -11.12 10.66 -17.84
N ASP C 16 -10.41 11.02 -16.77
CA ASP C 16 -11.01 11.85 -15.73
C ASP C 16 -11.49 13.16 -16.29
N LEU C 17 -10.70 13.76 -17.14
CA LEU C 17 -11.08 15.01 -17.72
C LEU C 17 -12.30 14.86 -18.55
N LYS C 18 -12.38 13.75 -19.26
CA LYS C 18 -13.49 13.40 -20.11
C LYS C 18 -14.69 13.14 -19.24
N LEU C 19 -14.46 12.44 -18.15
CA LEU C 19 -15.49 12.11 -17.21
C LEU C 19 -15.98 13.40 -16.55
N PHE C 20 -15.09 14.31 -16.24
CA PHE C 20 -15.57 15.57 -15.73
C PHE C 20 -16.29 16.37 -16.81
N HIS C 21 -15.77 16.35 -18.05
CA HIS C 21 -16.50 16.99 -19.15
C HIS C 21 -17.90 16.40 -19.30
N HIS C 22 -18.03 15.09 -19.04
CA HIS C 22 -19.32 14.41 -19.20
C HIS C 22 -20.31 14.86 -18.13
N TYR C 23 -19.84 15.11 -16.90
CA TYR C 23 -20.70 15.67 -15.86
C TYR C 23 -21.29 17.00 -16.30
N CYS C 24 -20.44 17.93 -16.74
CA CYS C 24 -20.89 19.27 -17.06
C CYS C 24 -21.81 19.29 -18.26
N THR C 25 -21.57 18.38 -19.21
CA THR C 25 -22.30 18.41 -20.47
C THR C 25 -23.59 17.59 -20.40
N GLU C 26 -23.58 16.42 -19.75
CA GLU C 26 -24.81 15.64 -19.74
C GLU C 26 -25.29 15.17 -18.37
N VAL C 27 -24.47 15.12 -17.32
CA VAL C 27 -24.95 14.51 -16.08
C VAL C 27 -25.81 15.49 -15.26
N TRP C 28 -25.33 16.70 -15.02
CA TRP C 28 -26.12 17.50 -14.08
C TRP C 28 -27.43 18.02 -14.68
N PRO C 29 -27.55 18.19 -16.01
CA PRO C 29 -28.87 18.55 -16.54
C PRO C 29 -29.92 17.51 -16.24
N THR C 30 -29.52 16.24 -16.16
CA THR C 30 -30.47 15.20 -15.79
C THR C 30 -30.84 15.28 -14.32
N ILE C 31 -29.95 15.83 -13.46
CA ILE C 31 -30.31 15.99 -12.05
C ILE C 31 -31.40 17.05 -11.92
N ILE C 32 -31.16 18.23 -12.51
CA ILE C 32 -32.19 19.27 -12.57
C ILE C 32 -33.50 18.69 -13.10
N ALA C 33 -33.42 17.88 -14.16
CA ALA C 33 -34.61 17.49 -14.90
C ALA C 33 -35.63 16.71 -14.07
N VAL C 34 -35.18 15.88 -13.12
CA VAL C 34 -36.17 15.11 -12.36
C VAL C 34 -36.93 15.96 -11.36
N GLY C 35 -36.50 17.20 -11.12
CA GLY C 35 -37.28 18.11 -10.30
C GLY C 35 -36.43 18.65 -9.17
N ILE C 36 -35.13 18.84 -9.44
CA ILE C 36 -34.22 19.52 -8.52
C ILE C 36 -34.12 20.98 -8.99
N SER C 37 -33.87 21.87 -8.04
CA SER C 37 -33.76 23.30 -8.33
C SER C 37 -32.30 23.75 -8.39
N SER C 38 -32.13 24.97 -8.91
CA SER C 38 -30.90 25.74 -9.01
C SER C 38 -29.87 25.04 -9.86
N PRO C 39 -29.76 25.40 -11.14
CA PRO C 39 -28.65 24.87 -11.94
C PRO C 39 -27.32 25.36 -11.47
N GLU C 40 -27.34 26.44 -10.69
CA GLU C 40 -26.14 27.10 -10.23
C GLU C 40 -25.34 26.19 -9.30
N VAL C 41 -26.03 25.47 -8.41
CA VAL C 41 -25.30 24.60 -7.51
C VAL C 41 -24.78 23.39 -8.27
N TRP C 42 -25.62 22.78 -9.13
CA TRP C 42 -25.23 21.49 -9.70
C TRP C 42 -24.24 21.61 -10.86
N GLY C 43 -24.17 22.75 -11.54
CA GLY C 43 -23.23 22.89 -12.64
C GLY C 43 -22.13 23.91 -12.45
N THR C 44 -22.23 24.73 -11.40
CA THR C 44 -21.20 25.72 -11.10
C THR C 44 -20.62 25.51 -9.72
N TYR C 45 -21.45 25.56 -8.67
CA TYR C 45 -20.96 25.42 -7.30
C TYR C 45 -20.23 24.11 -7.09
N LEU C 46 -20.78 22.98 -7.56
CA LEU C 46 -20.17 21.69 -7.25
C LEU C 46 -18.83 21.49 -7.94
N PRO C 47 -18.70 21.69 -9.27
CA PRO C 47 -17.35 21.65 -9.88
C PRO C 47 -16.35 22.57 -9.18
N ASP C 48 -16.74 23.79 -8.85
CA ASP C 48 -15.85 24.66 -8.08
C ASP C 48 -15.40 23.98 -6.79
N LEU C 49 -16.37 23.47 -5.98
CA LEU C 49 -16.02 22.77 -4.74
C LEU C 49 -15.22 21.51 -4.99
N ALA C 50 -15.49 20.82 -6.10
CA ALA C 50 -14.77 19.60 -6.41
C ALA C 50 -13.27 19.82 -6.56
N PHE C 51 -12.84 21.02 -6.97
CA PHE C 51 -11.39 21.29 -7.09
C PHE C 51 -10.74 21.57 -5.73
N LYS C 52 -11.52 22.02 -4.76
CA LYS C 52 -11.02 22.24 -3.41
C LYS C 52 -11.05 21.00 -2.53
N TYR C 53 -11.82 19.95 -2.92
CA TYR C 53 -12.05 18.80 -2.04
C TYR C 53 -12.05 17.46 -2.76
N PRO C 54 -10.98 16.68 -2.62
CA PRO C 54 -10.88 15.43 -3.40
C PRO C 54 -12.01 14.44 -3.14
N PHE C 55 -12.59 14.44 -1.93
CA PHE C 55 -13.72 13.55 -1.66
C PHE C 55 -14.91 13.95 -2.53
N LEU C 56 -15.14 15.23 -2.72
CA LEU C 56 -16.23 15.59 -3.62
C LEU C 56 -15.92 15.22 -5.05
N MET C 57 -14.63 15.24 -5.43
CA MET C 57 -14.28 15.03 -6.82
C MET C 57 -14.46 13.55 -7.23
N HIS C 58 -13.95 12.63 -6.40
CA HIS C 58 -14.23 11.21 -6.62
C HIS C 58 -15.71 10.91 -6.69
N SER C 59 -16.50 11.51 -5.78
CA SER C 59 -17.94 11.33 -5.86
C SER C 59 -18.45 11.70 -7.23
N MET C 60 -17.98 12.81 -7.78
CA MET C 60 -18.51 13.28 -9.06
C MET C 60 -18.02 12.48 -10.26
N LEU C 61 -16.79 11.99 -10.23
CA LEU C 61 -16.31 11.17 -11.35
C LEU C 61 -16.94 9.79 -11.34
N ALA C 62 -17.27 9.29 -10.16
CA ALA C 62 -17.93 8.01 -10.09
C ALA C 62 -19.34 8.13 -10.61
N PHE C 63 -20.04 9.17 -10.17
CA PHE C 63 -21.39 9.41 -10.65
C PHE C 63 -21.43 9.51 -12.17
N SER C 64 -20.63 10.41 -12.75
CA SER C 64 -20.74 10.60 -14.18
C SER C 64 -20.24 9.37 -14.96
N ALA C 65 -19.35 8.58 -14.39
CA ALA C 65 -18.98 7.35 -15.06
C ALA C 65 -20.07 6.30 -14.94
N THR C 66 -20.84 6.33 -13.86
CA THR C 66 -22.01 5.46 -13.79
C THR C 66 -22.99 5.78 -14.90
N HIS C 67 -23.27 7.08 -15.11
CA HIS C 67 -24.14 7.48 -16.21
C HIS C 67 -23.53 7.13 -17.57
N LEU C 68 -22.26 7.47 -17.79
CA LEU C 68 -21.62 7.09 -19.03
C LEU C 68 -21.61 5.58 -19.24
N SER C 69 -21.53 4.81 -18.13
CA SER C 69 -21.53 3.34 -18.20
C SER C 69 -22.74 2.80 -18.97
N ARG C 70 -23.87 3.50 -18.90
CA ARG C 70 -25.08 3.03 -19.57
C ARG C 70 -24.86 2.84 -21.06
N THR C 71 -23.99 3.66 -21.70
CA THR C 71 -23.69 3.53 -23.13
C THR C 71 -22.25 3.06 -23.33
N GLN C 72 -21.25 3.90 -23.12
CA GLN C 72 -19.86 3.45 -23.22
C GLN C 72 -19.61 2.26 -22.30
N PRO C 73 -18.94 1.21 -22.71
CA PRO C 73 -18.64 0.14 -21.76
C PRO C 73 -17.24 0.23 -21.21
N GLY C 74 -16.87 -0.63 -20.30
CA GLY C 74 -15.55 -0.63 -19.73
C GLY C 74 -15.19 0.28 -18.57
N LEU C 75 -16.16 0.87 -17.91
CA LEU C 75 -15.87 1.76 -16.81
C LEU C 75 -16.20 1.13 -15.51
N ASP C 76 -16.24 -0.17 -15.50
CA ASP C 76 -16.61 -0.86 -14.27
C ASP C 76 -15.58 -0.63 -13.17
N ASP C 77 -14.30 -0.78 -13.53
CA ASP C 77 -13.16 -0.46 -12.69
C ASP C 77 -13.28 0.95 -12.09
N TYR C 78 -13.40 1.94 -12.98
CA TYR C 78 -13.34 3.33 -12.56
C TYR C 78 -14.43 3.66 -11.55
N VAL C 79 -15.68 3.37 -11.90
CA VAL C 79 -16.78 3.61 -10.97
C VAL C 79 -16.46 3.00 -9.62
N ALA C 80 -16.05 1.74 -9.62
CA ALA C 80 -15.83 1.03 -8.36
C ALA C 80 -14.62 1.59 -7.62
N SER C 81 -13.53 1.86 -8.31
CA SER C 81 -12.37 2.41 -7.61
C SER C 81 -12.52 3.89 -7.34
N HIS C 82 -13.68 4.46 -7.59
CA HIS C 82 -13.90 5.82 -7.16
C HIS C 82 -14.97 5.94 -6.08
N ARG C 83 -16.06 5.19 -6.17
CA ARG C 83 -17.08 5.26 -5.13
C ARG C 83 -16.47 4.98 -3.75
N LEU C 84 -15.53 4.05 -3.69
CA LEU C 84 -14.97 3.72 -2.39
C LEU C 84 -13.91 4.75 -1.99
N SER C 85 -13.12 5.23 -2.95
CA SER C 85 -12.20 6.32 -2.66
C SER C 85 -12.96 7.52 -2.12
N ALA C 86 -14.11 7.81 -2.72
CA ALA C 86 -14.94 8.86 -2.15
C ALA C 86 -15.38 8.48 -0.74
N LEU C 87 -15.81 7.22 -0.56
CA LEU C 87 -16.27 6.80 0.76
C LEU C 87 -15.17 6.98 1.81
N LYS C 88 -13.99 6.46 1.52
CA LYS C 88 -12.90 6.59 2.47
C LYS C 88 -12.63 8.02 2.83
N LEU C 89 -12.32 8.85 1.86
CA LEU C 89 -12.05 10.26 2.14
C LEU C 89 -13.25 10.95 2.78
N LEU C 90 -14.47 10.54 2.40
CA LEU C 90 -15.65 11.19 2.97
C LEU C 90 -15.77 10.90 4.46
N ARG C 91 -15.40 9.69 4.90
CA ARG C 91 -15.53 9.32 6.31
C ARG C 91 -14.45 9.90 7.20
N GLU C 92 -13.28 10.26 6.66
CA GLU C 92 -12.31 10.99 7.45
C GLU C 92 -12.57 12.49 7.46
N ALA C 93 -13.46 12.98 6.60
CA ALA C 93 -13.70 14.42 6.54
C ALA C 93 -14.70 14.87 7.60
N VAL C 94 -15.48 13.94 8.14
CA VAL C 94 -16.39 14.28 9.23
C VAL C 94 -15.62 14.52 10.52
N LEU C 95 -14.47 13.89 10.56
CA LEU C 95 -13.56 13.97 11.65
C LEU C 95 -13.23 15.39 11.98
N GLU C 96 -13.56 16.27 11.08
CA GLU C 96 -13.29 17.67 11.26
C GLU C 96 -14.16 18.45 10.32
N ILE C 97 -15.38 18.69 10.70
CA ILE C 97 -16.33 19.39 9.86
C ILE C 97 -16.11 20.88 9.88
N SER C 98 -15.14 21.33 9.14
CA SER C 98 -14.90 22.74 9.05
C SER C 98 -16.12 23.29 8.37
N ASP C 99 -16.51 24.50 8.69
CA ASP C 99 -17.64 25.15 8.06
C ASP C 99 -17.38 25.51 6.60
N ASP C 100 -16.16 25.31 6.11
CA ASP C 100 -15.89 25.54 4.71
C ASP C 100 -15.87 24.29 3.85
N ASN C 101 -15.88 23.13 4.46
CA ASN C 101 -15.95 21.90 3.72
C ASN C 101 -17.28 21.23 3.97
N THR C 102 -18.20 21.95 4.55
CA THR C 102 -19.48 21.38 4.94
C THR C 102 -20.43 21.19 3.76
N ASP C 103 -20.44 22.14 2.81
CA ASP C 103 -21.20 22.00 1.58
C ASP C 103 -20.56 21.00 0.62
N ALA C 104 -19.22 20.97 0.58
CA ALA C 104 -18.51 19.87 -0.07
C ALA C 104 -18.99 18.51 0.44
N LEU C 105 -19.15 18.40 1.78
CA LEU C 105 -19.58 17.14 2.40
C LEU C 105 -21.04 16.84 2.10
N VAL C 106 -21.94 17.83 2.28
CA VAL C 106 -23.35 17.65 1.93
C VAL C 106 -23.49 17.20 0.47
N ALA C 107 -22.78 17.86 -0.44
CA ALA C 107 -23.04 17.60 -1.85
C ALA C 107 -22.49 16.25 -2.31
N SER C 108 -21.33 15.80 -1.77
CA SER C 108 -20.94 14.46 -2.18
C SER C 108 -21.75 13.38 -1.47
N SER C 109 -22.41 13.72 -0.36
CA SER C 109 -23.41 12.83 0.22
C SER C 109 -24.54 12.56 -0.77
N LEU C 110 -25.17 13.62 -1.29
CA LEU C 110 -26.30 13.43 -2.20
C LEU C 110 -25.84 12.82 -3.51
N ILE C 111 -24.65 13.21 -4.00
CA ILE C 111 -24.13 12.60 -5.20
C ILE C 111 -23.98 11.10 -4.99
N LEU C 112 -23.19 10.73 -3.98
CA LEU C 112 -23.00 9.33 -3.65
C LEU C 112 -24.32 8.59 -3.40
N ILE C 113 -25.36 9.31 -2.95
CA ILE C 113 -26.66 8.66 -2.77
C ILE C 113 -27.27 8.32 -4.12
N MET C 114 -27.28 9.30 -5.04
CA MET C 114 -27.82 9.06 -6.37
C MET C 114 -26.99 8.01 -7.11
N ASP C 115 -25.68 8.09 -6.98
CA ASP C 115 -24.82 7.16 -7.69
C ASP C 115 -24.99 5.72 -7.17
N SER C 116 -25.38 5.58 -5.90
CA SER C 116 -25.66 4.28 -5.29
C SER C 116 -27.01 3.74 -5.71
N LEU C 117 -28.03 4.58 -5.77
CA LEU C 117 -29.33 4.12 -6.25
C LEU C 117 -29.25 3.66 -7.70
N ALA C 118 -28.39 4.30 -8.51
CA ALA C 118 -28.25 3.93 -9.91
C ALA C 118 -27.50 2.61 -10.06
N ASN C 119 -26.65 2.24 -9.12
CA ASN C 119 -25.92 0.99 -9.19
C ASN C 119 -26.57 -0.13 -8.45
N ALA C 120 -27.80 0.06 -8.05
CA ALA C 120 -28.50 -0.93 -7.32
C ALA C 120 -29.50 -1.65 -8.17
N SER C 121 -29.64 -2.94 -7.87
CA SER C 121 -30.58 -3.84 -8.49
C SER C 121 -30.11 -5.26 -8.23
N ASN C 122 -29.70 -5.95 -9.27
CA ASN C 122 -29.16 -7.30 -9.17
C ASN C 122 -28.33 -7.37 -10.44
N SER C 123 -27.10 -7.84 -10.42
CA SER C 123 -26.36 -8.43 -9.33
C SER C 123 -26.41 -7.89 -7.90
N ASN C 124 -26.76 -6.63 -7.68
CA ASN C 124 -26.85 -6.11 -6.33
C ASN C 124 -27.92 -6.88 -5.55
N PRO C 125 -28.45 -6.46 -4.35
CA PRO C 125 -27.96 -5.21 -3.79
C PRO C 125 -27.03 -5.44 -2.60
N THR C 126 -27.16 -4.60 -1.59
CA THR C 126 -26.40 -4.67 -0.39
C THR C 126 -25.09 -3.99 -0.57
N ALA C 127 -24.63 -3.93 -1.78
CA ALA C 127 -23.36 -3.29 -2.04
C ALA C 127 -23.57 -1.80 -2.00
N TRP C 128 -24.70 -1.37 -2.51
CA TRP C 128 -25.07 0.02 -2.57
C TRP C 128 -25.47 0.52 -1.22
N ILE C 129 -25.93 -0.35 -0.36
CA ILE C 129 -26.39 0.04 0.98
C ILE C 129 -25.22 0.54 1.84
N PHE C 130 -24.09 -0.17 1.79
CA PHE C 130 -22.93 0.26 2.57
C PHE C 130 -22.56 1.71 2.29
N HIS C 131 -22.58 2.09 1.04
CA HIS C 131 -22.25 3.42 0.66
C HIS C 131 -23.28 4.40 1.14
N VAL C 132 -24.54 4.08 0.95
CA VAL C 132 -25.59 4.94 1.40
C VAL C 132 -25.46 5.20 2.91
N LYS C 133 -25.12 4.18 3.68
CA LYS C 133 -24.96 4.31 5.09
C LYS C 133 -23.91 5.35 5.39
N GLY C 134 -22.84 5.32 4.63
CA GLY C 134 -21.81 6.34 4.77
C GLY C 134 -22.34 7.74 4.45
N ALA C 135 -23.01 7.89 3.30
CA ALA C 135 -23.65 9.15 2.97
C ALA C 135 -24.56 9.64 4.09
N VAL C 136 -25.42 8.75 4.62
CA VAL C 136 -26.39 9.14 5.64
C VAL C 136 -25.68 9.56 6.92
N THR C 137 -24.60 8.86 7.30
CA THR C 137 -23.96 9.21 8.55
C THR C 137 -23.20 10.54 8.47
N ILE C 138 -22.65 10.89 7.29
CA ILE C 138 -22.12 12.26 7.07
C ILE C 138 -23.22 13.29 7.26
N LEU C 139 -24.28 13.14 6.47
CA LEU C 139 -25.46 13.99 6.56
C LEU C 139 -25.89 14.19 7.99
N THR C 140 -26.06 13.08 8.74
CA THR C 140 -26.46 13.18 10.16
C THR C 140 -25.45 14.06 10.93
N ALA C 141 -24.16 13.88 10.65
CA ALA C 141 -23.15 14.61 11.41
C ALA C 141 -23.09 16.10 11.05
N VAL C 142 -23.50 16.52 9.84
CA VAL C 142 -23.40 17.94 9.53
C VAL C 142 -24.71 18.69 9.77
N TRP C 143 -25.81 17.98 9.96
CA TRP C 143 -27.08 18.66 10.20
C TRP C 143 -27.25 18.98 11.69
N PRO C 144 -27.74 20.17 12.05
CA PRO C 144 -28.30 21.26 11.23
C PRO C 144 -27.26 22.03 10.46
N LEU C 145 -27.55 22.26 9.18
CA LEU C 145 -26.73 23.14 8.37
C LEU C 145 -26.92 24.60 8.79
N PRO C 146 -25.95 25.45 8.60
CA PRO C 146 -26.14 26.86 8.90
C PRO C 146 -27.09 27.42 7.86
N GLU C 147 -27.96 28.35 8.18
CA GLU C 147 -28.89 28.85 7.20
C GLU C 147 -28.21 29.46 6.02
N THR C 148 -26.93 29.74 6.20
CA THR C 148 -26.17 30.33 5.14
C THR C 148 -25.76 29.33 4.11
N SER C 149 -26.08 28.06 4.30
CA SER C 149 -25.67 27.05 3.34
C SER C 149 -26.59 27.10 2.13
N LYS C 150 -26.01 26.92 0.93
CA LYS C 150 -26.85 26.85 -0.26
C LYS C 150 -27.76 25.62 -0.24
N PHE C 151 -27.32 24.54 0.41
CA PHE C 151 -28.12 23.31 0.45
C PHE C 151 -29.19 23.32 1.52
N TYR C 152 -29.27 24.37 2.36
CA TYR C 152 -30.31 24.38 3.41
C TYR C 152 -31.72 24.14 2.86
N ASN C 153 -31.94 24.27 1.52
CA ASN C 153 -33.20 23.89 0.88
C ASN C 153 -33.59 22.42 1.10
N LEU C 154 -32.60 21.50 1.28
CA LEU C 154 -32.80 20.05 1.47
C LEU C 154 -33.64 19.68 2.70
N ILE C 155 -34.21 20.68 3.33
CA ILE C 155 -35.01 20.44 4.50
C ILE C 155 -36.38 20.94 4.20
N SER C 156 -37.30 20.68 5.11
CA SER C 156 -38.67 21.06 4.89
C SER C 156 -39.13 22.28 5.68
N VAL C 157 -38.71 22.43 6.93
CA VAL C 157 -39.06 23.59 7.81
C VAL C 157 -39.22 23.21 9.28
N ASP C 158 -40.47 23.13 9.74
CA ASP C 158 -40.77 22.81 11.12
C ASP C 158 -40.58 24.07 11.96
N LEU C 162 -43.52 21.86 14.48
CA LEU C 162 -44.91 21.66 14.83
C LEU C 162 -45.68 22.84 14.31
N GLY C 163 -46.95 22.65 14.00
CA GLY C 163 -47.75 23.73 13.47
C GLY C 163 -49.21 23.43 13.19
N GLU C 164 -49.60 23.41 11.93
CA GLU C 164 -50.99 23.14 11.60
C GLU C 164 -51.27 21.67 11.51
N ILE C 165 -50.33 20.85 11.93
CA ILE C 165 -50.52 19.42 11.85
C ILE C 165 -51.41 19.06 13.01
N VAL C 166 -51.19 19.75 14.12
CA VAL C 166 -51.94 19.56 15.36
C VAL C 166 -53.42 20.00 15.34
N ASP C 167 -54.23 19.37 16.17
CA ASP C 167 -55.64 19.76 16.22
C ASP C 167 -55.79 21.04 17.04
N LYS C 168 -56.28 22.07 16.39
CA LYS C 168 -56.47 23.35 17.03
C LYS C 168 -57.48 23.21 18.13
N ASP C 169 -58.12 22.07 18.23
CA ASP C 169 -59.13 21.86 19.24
C ASP C 169 -58.66 21.04 20.44
N THR C 170 -57.63 20.27 20.25
CA THR C 170 -57.18 19.39 21.29
C THR C 170 -55.80 19.69 21.73
N GLY C 171 -55.12 20.48 20.97
CA GLY C 171 -53.74 20.75 21.32
C GLY C 171 -52.89 19.51 21.25
N THR C 172 -53.22 18.64 20.31
CA THR C 172 -52.53 17.37 20.07
C THR C 172 -52.68 16.92 18.62
N ILE C 173 -52.15 15.75 18.30
CA ILE C 173 -52.30 15.22 16.96
C ILE C 173 -53.45 14.23 16.89
N THR C 174 -54.48 14.65 16.19
CA THR C 174 -55.68 13.89 16.01
C THR C 174 -55.66 13.16 14.70
N GLU C 175 -54.88 13.64 13.76
CA GLU C 175 -54.79 12.92 12.53
C GLU C 175 -53.82 13.53 11.60
N LEU C 176 -53.33 12.72 10.68
CA LEU C 176 -52.35 13.12 9.69
C LEU C 176 -52.74 12.56 8.36
N VAL C 177 -52.53 13.34 7.32
CA VAL C 177 -52.86 12.94 5.97
C VAL C 177 -51.99 11.80 5.44
N CYS C 178 -50.69 11.99 5.52
CA CYS C 178 -49.71 11.02 5.10
C CYS C 178 -50.09 9.60 5.23
N CYS C 179 -50.18 9.42 6.52
CA CYS C 179 -50.13 8.23 7.38
C CYS C 179 -51.31 7.64 8.10
N ASP C 180 -52.43 8.34 8.16
CA ASP C 180 -53.61 7.88 8.87
C ASP C 180 -53.83 6.37 8.93
N ASP C 181 -53.48 5.68 7.86
CA ASP C 181 -53.66 4.25 7.81
C ASP C 181 -52.27 3.67 7.86
N ASP C 182 -51.71 3.57 9.06
CA ASP C 182 -50.36 3.05 9.18
C ASP C 182 -49.90 3.29 10.59
N ILE C 183 -50.43 4.33 11.20
CA ILE C 183 -50.07 4.65 12.57
C ILE C 183 -51.18 5.36 13.33
N ALA C 184 -52.42 4.98 13.06
CA ALA C 184 -53.54 5.54 13.76
C ALA C 184 -53.40 5.11 15.19
N ASP C 185 -53.14 3.85 15.40
CA ASP C 185 -53.00 3.35 16.75
C ASP C 185 -52.10 4.21 17.63
N LEU C 186 -51.43 5.17 17.04
CA LEU C 186 -50.53 6.00 17.77
C LEU C 186 -51.19 7.26 18.30
N TYR C 187 -52.32 7.61 17.71
CA TYR C 187 -53.07 8.81 18.02
C TYR C 187 -53.84 9.01 19.34
N PRO C 188 -53.47 9.99 20.13
CA PRO C 188 -52.26 10.75 19.88
C PRO C 188 -51.36 10.44 21.06
N VAL C 189 -50.26 11.13 21.25
CA VAL C 189 -49.64 12.18 20.46
C VAL C 189 -49.77 13.57 21.00
N ASP C 190 -49.25 13.73 22.20
CA ASP C 190 -49.14 15.02 22.87
C ASP C 190 -47.84 15.70 22.54
N LEU C 191 -47.74 16.98 22.80
CA LEU C 191 -46.53 17.72 22.53
C LEU C 191 -45.33 17.19 23.32
N ASP C 192 -45.60 16.49 24.40
CA ASP C 192 -44.49 15.98 25.20
C ASP C 192 -43.94 14.79 24.50
N SER C 193 -44.83 14.05 23.86
CA SER C 193 -44.51 12.85 23.12
C SER C 193 -43.17 12.89 22.46
N PRO C 194 -42.50 11.69 22.40
CA PRO C 194 -41.22 11.75 21.71
C PRO C 194 -41.38 11.56 20.22
N TYR C 195 -42.59 11.38 19.75
CA TYR C 195 -42.83 11.18 18.34
C TYR C 195 -43.27 12.42 17.59
N LEU C 196 -43.63 13.47 18.30
CA LEU C 196 -44.14 14.67 17.66
C LEU C 196 -43.35 15.26 16.49
N ILE C 197 -42.11 15.62 16.74
CA ILE C 197 -41.24 16.27 15.75
C ILE C 197 -41.22 15.49 14.45
N THR C 198 -40.83 14.21 14.52
CA THR C 198 -40.76 13.38 13.31
C THR C 198 -42.07 13.39 12.55
N LEU C 199 -43.17 13.14 13.26
CA LEU C 199 -44.47 13.02 12.61
C LEU C 199 -44.83 14.30 11.88
N ALA C 200 -44.52 15.46 12.48
CA ALA C 200 -44.76 16.73 11.83
C ALA C 200 -43.85 16.91 10.62
N TYR C 201 -42.54 16.71 10.81
CA TYR C 201 -41.57 16.61 9.74
C TYR C 201 -42.09 15.74 8.61
N LEU C 202 -42.44 14.48 8.93
CA LEU C 202 -42.87 13.53 7.91
C LEU C 202 -44.17 13.97 7.23
N ASP C 203 -45.14 14.42 8.01
CA ASP C 203 -46.39 14.83 7.40
C ASP C 203 -46.19 16.07 6.55
N LYS C 204 -45.41 17.02 7.07
CA LYS C 204 -45.20 18.27 6.35
C LYS C 204 -44.45 18.04 5.03
N LEU C 205 -43.43 17.18 5.06
CA LEU C 205 -42.75 16.79 3.84
C LEU C 205 -43.73 16.14 2.85
N TYR C 206 -44.65 15.33 3.35
CA TYR C 206 -45.59 14.66 2.47
C TYR C 206 -46.49 15.65 1.73
N ARG C 207 -46.92 16.69 2.39
CA ARG C 207 -47.76 17.62 1.69
C ARG C 207 -46.86 18.57 0.97
N GLU C 208 -45.88 18.04 0.30
CA GLU C 208 -44.94 18.85 -0.42
C GLU C 208 -44.45 18.16 -1.65
N LYS C 209 -45.10 17.09 -2.03
CA LYS C 209 -44.58 16.41 -3.16
C LYS C 209 -44.59 17.19 -4.46
N ASN C 210 -45.61 18.00 -4.72
CA ASN C 210 -45.59 18.73 -5.99
C ASN C 210 -44.80 20.02 -5.81
N GLN C 211 -43.47 19.89 -5.82
CA GLN C 211 -42.62 21.03 -5.46
C GLN C 211 -41.16 20.64 -5.69
N LEU C 212 -40.35 21.62 -6.09
CA LEU C 212 -38.97 21.34 -6.46
C LEU C 212 -38.09 21.02 -5.26
N ASP C 213 -37.16 20.07 -5.47
CA ASP C 213 -36.23 19.52 -4.48
C ASP C 213 -36.91 18.56 -3.51
N TYR C 214 -38.11 18.07 -3.85
CA TYR C 214 -38.79 17.07 -3.02
C TYR C 214 -37.95 15.81 -2.89
N ILE C 215 -37.40 15.34 -4.01
CA ILE C 215 -36.55 14.16 -4.02
C ILE C 215 -35.41 14.30 -3.02
N LEU C 216 -34.86 15.52 -2.84
CA LEU C 216 -33.75 15.72 -1.92
C LEU C 216 -34.23 15.84 -0.48
N ARG C 217 -35.43 16.38 -0.28
CA ARG C 217 -36.01 16.36 1.04
C ARG C 217 -36.33 14.94 1.49
N VAL C 218 -36.94 14.15 0.60
CA VAL C 218 -37.23 12.76 0.89
C VAL C 218 -35.94 12.03 1.18
N PHE C 219 -34.88 12.37 0.46
CA PHE C 219 -33.59 11.70 0.60
C PHE C 219 -32.96 11.99 1.97
N ALA C 220 -33.00 13.26 2.41
CA ALA C 220 -32.35 13.65 3.65
C ALA C 220 -33.11 13.25 4.90
N PHE C 221 -34.38 12.85 4.78
CA PHE C 221 -35.18 12.66 5.99
C PHE C 221 -34.53 11.77 7.05
N PRO C 222 -33.96 10.61 6.72
CA PRO C 222 -33.40 9.78 7.80
C PRO C 222 -32.25 10.44 8.56
N ALA C 223 -31.53 11.36 7.94
CA ALA C 223 -30.41 12.05 8.55
C ALA C 223 -30.83 13.25 9.40
N LEU C 224 -32.07 13.73 9.25
CA LEU C 224 -32.53 14.93 9.93
C LEU C 224 -33.55 14.62 11.04
N LEU C 225 -33.71 13.35 11.42
CA LEU C 225 -34.44 13.03 12.64
C LEU C 225 -33.71 13.63 13.84
N ASP C 226 -34.47 14.10 14.82
CA ASP C 226 -33.81 14.61 16.02
C ASP C 226 -33.22 13.45 16.80
N ARG C 227 -32.15 13.76 17.54
CA ARG C 227 -31.35 12.71 18.16
C ARG C 227 -32.18 11.92 19.15
N THR C 228 -33.02 12.61 19.92
CA THR C 228 -33.92 11.93 20.84
C THR C 228 -34.68 10.83 20.12
N PHE C 229 -35.39 11.19 19.04
CA PHE C 229 -36.14 10.19 18.29
C PHE C 229 -35.23 9.09 17.78
N LEU C 230 -34.05 9.47 17.33
CA LEU C 230 -33.19 8.52 16.66
C LEU C 230 -32.56 7.54 17.64
N THR C 231 -32.12 8.05 18.76
CA THR C 231 -31.54 7.19 19.73
C THR C 231 -32.62 6.27 20.20
N LEU C 232 -33.86 6.73 20.12
CA LEU C 232 -34.98 5.95 20.52
C LEU C 232 -35.26 4.93 19.49
N LEU C 233 -35.05 5.27 18.26
CA LEU C 233 -35.32 4.33 17.18
C LEU C 233 -34.32 3.18 17.17
N MET C 234 -33.03 3.48 17.41
CA MET C 234 -32.03 2.43 17.41
C MET C 234 -32.17 1.46 18.58
N THR C 235 -32.90 1.82 19.62
CA THR C 235 -33.22 0.80 20.61
C THR C 235 -34.28 -0.18 20.11
N GLY C 236 -34.77 0.01 18.88
CA GLY C 236 -35.81 -0.85 18.36
C GLY C 236 -37.20 -0.52 18.81
N ASP C 237 -37.41 0.66 19.40
CA ASP C 237 -38.73 1.05 19.88
C ASP C 237 -39.78 0.89 18.79
N LEU C 238 -40.90 0.26 19.14
CA LEU C 238 -41.96 -0.04 18.18
C LEU C 238 -42.57 1.21 17.56
N GLY C 239 -42.84 2.24 18.39
CA GLY C 239 -43.46 3.45 17.88
C GLY C 239 -42.60 4.15 16.82
N ALA C 240 -41.34 4.41 17.16
CA ALA C 240 -40.45 5.03 16.20
C ALA C 240 -40.27 4.15 14.96
N MET C 241 -40.24 2.82 15.13
CA MET C 241 -40.06 1.92 13.99
C MET C 241 -41.29 1.89 13.11
N ARG C 242 -42.49 1.90 13.69
CA ARG C 242 -43.68 2.07 12.87
C ARG C 242 -43.61 3.40 12.11
N ILE C 243 -43.14 4.47 12.78
CA ILE C 243 -43.06 5.77 12.12
C ILE C 243 -42.22 5.68 10.84
N MET C 244 -41.06 5.01 10.94
CA MET C 244 -40.15 4.94 9.79
C MET C 244 -40.74 4.09 8.67
N ARG C 245 -41.48 3.05 9.01
CA ARG C 245 -42.19 2.31 7.96
C ARG C 245 -43.08 3.24 7.15
N SER C 246 -43.58 4.33 7.75
CA SER C 246 -44.36 5.28 6.96
C SER C 246 -43.47 6.09 6.02
N TYR C 247 -42.32 6.55 6.53
CA TYR C 247 -41.33 7.15 5.64
C TYR C 247 -41.00 6.20 4.49
N TYR C 248 -40.80 4.91 4.80
CA TYR C 248 -40.45 3.94 3.79
C TYR C 248 -41.53 3.82 2.72
N LYS C 249 -42.80 3.79 3.12
CA LYS C 249 -43.87 3.75 2.11
C LYS C 249 -43.80 4.98 1.20
N LEU C 250 -43.34 6.09 1.74
CA LEU C 250 -43.30 7.31 0.94
C LEU C 250 -42.09 7.29 0.02
N LEU C 251 -40.91 6.98 0.56
CA LEU C 251 -39.72 6.83 -0.26
C LEU C 251 -39.96 5.85 -1.41
N ARG C 252 -40.43 4.65 -1.09
CA ARG C 252 -40.69 3.63 -2.10
C ARG C 252 -41.73 4.08 -3.12
N ASN C 253 -42.87 4.61 -2.66
CA ASN C 253 -43.93 5.03 -3.58
C ASN C 253 -43.46 6.13 -4.51
N TYR C 254 -42.68 7.08 -4.00
CA TYR C 254 -42.25 8.22 -4.82
C TYR C 254 -41.23 7.80 -5.87
N THR C 255 -40.30 6.93 -5.50
CA THR C 255 -39.22 6.57 -6.41
C THR C 255 -39.73 5.73 -7.55
N THR C 256 -40.55 4.71 -7.25
CA THR C 256 -41.08 3.88 -8.33
C THR C 256 -41.97 4.66 -9.28
N GLU C 257 -42.58 5.75 -8.84
CA GLU C 257 -43.42 6.48 -9.77
C GLU C 257 -42.56 7.32 -10.72
N ILE C 258 -41.80 8.29 -10.18
CA ILE C 258 -40.96 9.17 -10.98
C ILE C 258 -39.80 8.40 -11.62
N MET C 259 -39.85 7.07 -11.52
CA MET C 259 -38.79 6.24 -12.05
C MET C 259 -38.52 6.60 -13.51
N ASP C 260 -39.58 6.69 -14.31
CA ASP C 260 -39.44 7.02 -15.73
C ASP C 260 -38.71 8.35 -15.97
N ARG C 261 -38.70 9.24 -14.99
CA ARG C 261 -38.12 10.56 -15.17
C ARG C 261 -36.71 10.67 -14.61
N ALA C 262 -36.20 9.60 -13.98
CA ALA C 262 -34.92 9.67 -13.26
C ALA C 262 -34.09 8.43 -13.57
N TRP C 263 -33.14 8.56 -14.49
CA TRP C 263 -32.36 7.40 -14.92
C TRP C 263 -31.75 6.65 -13.73
N PHE C 264 -31.39 7.38 -12.69
CA PHE C 264 -30.66 6.76 -11.60
C PHE C 264 -31.56 6.14 -10.55
N LEU C 265 -32.87 6.27 -10.68
CA LEU C 265 -33.82 5.55 -9.84
C LEU C 265 -34.35 4.29 -10.53
N GLU C 266 -33.78 3.93 -11.67
CA GLU C 266 -34.26 2.76 -12.38
C GLU C 266 -33.93 1.51 -11.57
N GLY C 267 -34.86 0.55 -11.59
CA GLY C 267 -34.70 -0.70 -10.86
C GLY C 267 -34.52 -0.57 -9.36
N VAL C 268 -34.89 0.57 -8.77
CA VAL C 268 -34.82 0.67 -7.31
C VAL C 268 -35.93 -0.14 -6.66
N SER C 269 -37.06 -0.32 -7.35
CA SER C 269 -38.07 -1.25 -6.83
C SER C 269 -37.50 -2.66 -6.69
N GLN C 270 -36.62 -3.10 -7.55
CA GLN C 270 -36.12 -4.42 -7.36
C GLN C 270 -35.34 -4.52 -6.08
N VAL C 271 -34.85 -3.43 -5.56
CA VAL C 271 -34.02 -3.49 -4.37
C VAL C 271 -34.73 -3.00 -3.12
N LEU C 272 -35.84 -2.29 -3.25
CA LEU C 272 -36.62 -1.85 -2.10
C LEU C 272 -37.92 -2.65 -2.04
N PRO C 273 -38.01 -3.64 -1.14
CA PRO C 273 -39.23 -4.46 -1.02
C PRO C 273 -40.42 -3.75 -0.39
N ARG C 274 -41.63 -4.16 -0.80
CA ARG C 274 -42.86 -3.61 -0.21
C ARG C 274 -43.00 -3.99 1.27
N ASP C 275 -42.60 -5.20 1.61
CA ASP C 275 -42.63 -5.64 2.98
C ASP C 275 -41.20 -5.61 3.43
N VAL C 276 -40.87 -4.70 4.31
CA VAL C 276 -39.53 -4.56 4.77
C VAL C 276 -39.01 -5.86 5.30
N ASP C 277 -39.91 -6.73 5.68
CA ASP C 277 -39.48 -8.00 6.21
C ASP C 277 -39.02 -8.90 5.10
N ASP C 278 -39.16 -8.43 3.88
CA ASP C 278 -38.65 -9.17 2.75
C ASP C 278 -37.24 -8.68 2.43
N TYR C 279 -36.68 -7.79 3.26
CA TYR C 279 -35.30 -7.38 3.10
C TYR C 279 -34.44 -8.58 2.69
N SER C 280 -33.83 -8.49 1.52
CA SER C 280 -33.05 -9.63 1.03
C SER C 280 -31.89 -10.02 1.96
N GLY C 281 -31.63 -9.24 2.99
CA GLY C 281 -30.54 -9.60 3.88
C GLY C 281 -30.85 -9.85 5.33
N GLY C 282 -32.11 -10.00 5.65
CA GLY C 282 -32.52 -10.20 7.00
C GLY C 282 -33.93 -9.71 7.11
N GLY C 283 -34.30 -9.16 8.24
CA GLY C 283 -35.62 -8.64 8.41
C GLY C 283 -35.57 -7.18 8.75
N GLY C 284 -36.73 -6.55 8.76
CA GLY C 284 -36.88 -5.16 9.07
C GLY C 284 -35.87 -4.54 9.99
N MET C 285 -35.72 -5.06 11.17
CA MET C 285 -34.75 -4.52 12.12
C MET C 285 -33.35 -4.52 11.51
N HIS C 286 -32.99 -5.62 10.83
CA HIS C 286 -31.71 -5.67 10.13
C HIS C 286 -31.66 -4.68 8.96
N MET C 287 -32.77 -4.50 8.25
CA MET C 287 -32.78 -3.47 7.21
C MET C 287 -32.54 -2.10 7.80
N MET C 288 -32.98 -1.88 9.04
CA MET C 288 -32.74 -0.60 9.70
C MET C 288 -31.27 -0.44 10.07
N LEU C 289 -30.70 -1.44 10.75
CA LEU C 289 -29.30 -1.37 11.19
C LEU C 289 -28.32 -1.17 10.04
N ASP C 290 -28.65 -1.68 8.84
CA ASP C 290 -27.77 -1.51 7.70
C ASP C 290 -27.83 -0.10 7.10
N PHE C 291 -28.87 0.69 7.41
CA PHE C 291 -28.91 2.06 6.92
C PHE C 291 -28.59 3.09 8.00
N LEU C 292 -28.78 2.75 9.28
CA LEU C 292 -28.72 3.78 10.32
C LEU C 292 -27.61 3.45 11.32
N GLY C 293 -27.15 4.51 12.02
CA GLY C 293 -26.02 4.39 12.94
C GLY C 293 -24.66 4.48 12.27
N GLY C 294 -23.96 5.61 12.44
CA GLY C 294 -22.60 5.79 11.95
C GLY C 294 -21.54 5.24 12.87
N GLY C 295 -20.48 6.00 13.09
CA GLY C 295 -19.40 5.53 13.92
C GLY C 295 -18.95 6.32 15.11
N LEU C 296 -19.26 5.81 16.29
CA LEU C 296 -18.91 6.40 17.56
C LEU C 296 -19.14 7.87 17.58
N SER D 11 0.95 14.10 -18.79
CA SER D 11 -0.27 13.72 -18.10
C SER D 11 -1.00 14.95 -17.61
N LEU D 12 -2.14 14.71 -16.99
CA LEU D 12 -2.98 15.75 -16.51
C LEU D 12 -3.17 15.69 -15.04
N GLY D 13 -3.58 16.80 -14.49
CA GLY D 13 -3.82 16.92 -13.08
C GLY D 13 -5.14 17.58 -12.78
N LEU D 14 -5.28 18.13 -11.60
CA LEU D 14 -6.52 18.72 -11.18
C LEU D 14 -6.75 20.06 -11.72
N VAL D 15 -5.70 20.78 -12.04
CA VAL D 15 -5.86 22.11 -12.54
C VAL D 15 -6.30 22.01 -13.97
N ASP D 16 -5.70 21.10 -14.69
CA ASP D 16 -6.01 20.91 -16.06
C ASP D 16 -7.44 20.70 -16.24
N LEU D 17 -8.03 20.05 -15.29
CA LEU D 17 -9.40 19.72 -15.32
C LEU D 17 -10.27 20.87 -14.94
N LYS D 18 -9.75 21.72 -14.07
CA LYS D 18 -10.47 22.87 -13.65
C LYS D 18 -10.50 23.89 -14.75
N LEU D 19 -9.48 23.91 -15.58
CA LEU D 19 -9.41 24.83 -16.68
C LEU D 19 -10.22 24.39 -17.88
N PHE D 20 -10.27 23.09 -18.12
CA PHE D 20 -11.05 22.58 -19.21
C PHE D 20 -12.49 22.92 -18.97
N HIS D 21 -12.91 22.82 -17.73
CA HIS D 21 -14.27 23.14 -17.36
C HIS D 21 -14.47 24.63 -17.48
N HIS D 22 -13.43 25.39 -17.22
CA HIS D 22 -13.51 26.83 -17.38
C HIS D 22 -13.75 27.22 -18.82
N TYR D 23 -13.35 26.37 -19.73
CA TYR D 23 -13.56 26.61 -21.12
C TYR D 23 -15.01 26.34 -21.52
N CYS D 24 -15.56 25.20 -21.13
CA CYS D 24 -16.90 24.87 -21.49
C CYS D 24 -17.92 25.74 -20.85
N THR D 25 -17.54 26.39 -19.79
CA THR D 25 -18.44 27.20 -19.06
C THR D 25 -18.39 28.67 -19.36
N GLU D 26 -17.20 29.23 -19.39
CA GLU D 26 -17.11 30.66 -19.62
C GLU D 26 -16.30 31.17 -20.79
N VAL D 27 -15.39 30.39 -21.32
CA VAL D 27 -14.54 30.86 -22.38
C VAL D 27 -15.11 30.88 -23.78
N TRP D 28 -15.55 29.75 -24.27
CA TRP D 28 -16.06 29.66 -25.60
C TRP D 28 -17.22 30.57 -25.89
N PRO D 29 -18.08 30.78 -24.92
CA PRO D 29 -19.18 31.68 -25.18
C PRO D 29 -18.63 33.06 -25.47
N THR D 30 -17.42 33.30 -25.05
CA THR D 30 -16.79 34.58 -25.27
C THR D 30 -16.37 34.70 -26.72
N ILE D 31 -16.08 33.58 -27.33
CA ILE D 31 -15.63 33.54 -28.67
C ILE D 31 -16.72 33.86 -29.62
N ILE D 32 -17.90 33.36 -29.34
CA ILE D 32 -19.08 33.58 -30.13
C ILE D 32 -19.50 35.03 -30.08
N ALA D 33 -19.46 35.58 -28.90
CA ALA D 33 -19.85 36.94 -28.66
C ALA D 33 -19.23 37.98 -29.54
N VAL D 34 -18.00 37.72 -29.94
CA VAL D 34 -17.28 38.64 -30.74
C VAL D 34 -17.65 38.63 -32.21
N GLY D 35 -18.52 37.74 -32.62
CA GLY D 35 -18.92 37.68 -34.01
C GLY D 35 -18.60 36.38 -34.71
N ILE D 36 -18.28 35.35 -33.98
CA ILE D 36 -17.99 34.07 -34.56
C ILE D 36 -19.29 33.32 -34.66
N SER D 37 -19.32 32.30 -35.49
CA SER D 37 -20.53 31.52 -35.66
C SER D 37 -20.40 30.10 -35.24
N SER D 38 -21.55 29.49 -35.03
CA SER D 38 -21.70 28.10 -34.66
C SER D 38 -21.20 27.61 -33.32
N PRO D 39 -22.11 27.65 -32.28
CA PRO D 39 -21.61 27.14 -31.01
C PRO D 39 -21.33 25.64 -30.97
N GLU D 40 -21.90 24.88 -31.88
CA GLU D 40 -21.68 23.45 -31.93
C GLU D 40 -20.22 23.12 -32.14
N VAL D 41 -19.47 24.03 -32.72
CA VAL D 41 -18.07 23.79 -32.98
C VAL D 41 -17.18 24.26 -31.87
N TRP D 42 -17.36 25.48 -31.39
CA TRP D 42 -16.50 25.98 -30.35
C TRP D 42 -16.87 25.45 -29.01
N GLY D 43 -18.12 25.05 -28.89
CA GLY D 43 -18.62 24.53 -27.65
C GLY D 43 -18.73 23.04 -27.55
N THR D 44 -18.87 22.34 -28.65
CA THR D 44 -19.03 20.90 -28.60
C THR D 44 -17.97 20.14 -29.34
N TYR D 45 -17.73 20.51 -30.57
CA TYR D 45 -16.75 19.88 -31.44
C TYR D 45 -15.32 19.98 -30.96
N LEU D 46 -14.88 21.16 -30.55
CA LEU D 46 -13.50 21.33 -30.13
C LEU D 46 -13.15 20.53 -28.91
N PRO D 47 -14.06 20.64 -27.86
CA PRO D 47 -13.74 19.82 -26.70
C PRO D 47 -13.65 18.34 -27.03
N ASP D 48 -14.55 17.86 -27.86
CA ASP D 48 -14.55 16.46 -28.25
C ASP D 48 -13.29 16.12 -29.01
N LEU D 49 -12.82 17.01 -29.86
CA LEU D 49 -11.65 16.76 -30.64
C LEU D 49 -10.42 16.80 -29.78
N ALA D 50 -10.48 17.59 -28.72
CA ALA D 50 -9.36 17.70 -27.83
C ALA D 50 -9.01 16.44 -27.09
N PHE D 51 -9.94 15.52 -26.98
CA PHE D 51 -9.66 14.29 -26.29
C PHE D 51 -8.85 13.41 -27.20
N LYS D 52 -8.80 13.70 -28.49
CA LYS D 52 -8.04 12.88 -29.40
C LYS D 52 -6.75 13.47 -29.86
N TYR D 53 -6.63 14.77 -29.83
CA TYR D 53 -5.43 15.41 -30.28
C TYR D 53 -4.83 16.24 -29.17
N PRO D 54 -3.63 15.77 -28.66
CA PRO D 54 -3.08 16.57 -27.56
C PRO D 54 -2.64 17.97 -27.91
N PHE D 55 -2.42 18.33 -29.15
CA PHE D 55 -2.00 19.66 -29.47
C PHE D 55 -3.15 20.61 -29.36
N LEU D 56 -4.34 20.13 -29.63
CA LEU D 56 -5.51 20.95 -29.55
C LEU D 56 -5.81 21.21 -28.11
N MET D 57 -5.62 20.21 -27.29
CA MET D 57 -5.87 20.32 -25.86
C MET D 57 -4.98 21.34 -25.17
N HIS D 58 -3.69 21.18 -25.32
CA HIS D 58 -2.74 22.10 -24.76
C HIS D 58 -3.08 23.51 -25.12
N SER D 59 -3.59 23.69 -26.32
CA SER D 59 -3.99 24.98 -26.78
C SER D 59 -5.15 25.54 -26.02
N MET D 60 -6.21 24.75 -25.90
CA MET D 60 -7.41 25.15 -25.19
C MET D 60 -7.13 25.41 -23.74
N LEU D 61 -6.28 24.61 -23.13
CA LEU D 61 -5.94 24.81 -21.75
C LEU D 61 -5.24 26.13 -21.51
N ALA D 62 -4.42 26.55 -22.44
CA ALA D 62 -3.69 27.77 -22.33
C ALA D 62 -4.55 28.98 -22.55
N PHE D 63 -5.37 28.94 -23.57
CA PHE D 63 -6.27 30.00 -23.90
C PHE D 63 -7.19 30.18 -22.74
N SER D 64 -7.52 29.07 -22.10
CA SER D 64 -8.40 29.06 -20.96
C SER D 64 -7.76 29.61 -19.69
N ALA D 65 -6.51 29.29 -19.45
CA ALA D 65 -5.80 29.77 -18.31
C ALA D 65 -5.49 31.21 -18.54
N THR D 66 -5.40 31.62 -19.80
CA THR D 66 -5.13 33.01 -20.15
C THR D 66 -6.32 33.89 -19.77
N HIS D 67 -7.51 33.40 -20.00
CA HIS D 67 -8.70 34.14 -19.67
C HIS D 67 -9.02 34.11 -18.19
N LEU D 68 -8.33 33.30 -17.43
CA LEU D 68 -8.59 33.21 -16.02
C LEU D 68 -7.71 34.18 -15.36
N SER D 69 -6.49 34.26 -15.84
CA SER D 69 -5.55 35.18 -15.31
C SER D 69 -6.13 36.57 -15.17
N ARG D 70 -7.27 36.81 -15.80
CA ARG D 70 -7.92 38.11 -15.72
C ARG D 70 -8.40 38.27 -14.29
N THR D 71 -9.01 37.24 -13.74
CA THR D 71 -9.45 37.33 -12.37
C THR D 71 -8.50 36.52 -11.48
N GLN D 72 -8.60 35.21 -11.45
CA GLN D 72 -7.67 34.41 -10.64
C GLN D 72 -6.31 34.74 -11.17
N PRO D 73 -5.24 34.68 -10.30
CA PRO D 73 -3.95 34.99 -10.89
C PRO D 73 -2.95 33.87 -10.63
N GLY D 74 -1.79 33.93 -11.25
CA GLY D 74 -0.79 32.91 -11.03
C GLY D 74 -0.72 31.82 -12.05
N LEU D 75 -1.25 32.03 -13.24
CA LEU D 75 -1.11 31.02 -14.27
C LEU D 75 -0.05 31.23 -15.38
N ASP D 76 0.73 32.28 -15.28
CA ASP D 76 1.74 32.58 -16.29
C ASP D 76 2.59 31.46 -16.83
N ASP D 77 3.21 30.67 -15.97
CA ASP D 77 4.03 29.59 -16.44
C ASP D 77 3.17 28.45 -16.97
N TYR D 78 1.97 28.28 -16.43
CA TYR D 78 1.10 27.23 -16.90
C TYR D 78 0.79 27.57 -18.30
N VAL D 79 0.32 28.78 -18.48
CA VAL D 79 -0.01 29.27 -19.79
C VAL D 79 1.19 29.14 -20.66
N ALA D 80 2.34 29.55 -20.17
CA ALA D 80 3.54 29.49 -20.97
C ALA D 80 3.99 28.11 -21.34
N SER D 81 3.74 27.15 -20.50
CA SER D 81 4.18 25.81 -20.79
C SER D 81 3.31 25.16 -21.80
N HIS D 82 2.02 25.42 -21.74
CA HIS D 82 1.11 24.79 -22.64
C HIS D 82 1.08 25.41 -24.01
N ARG D 83 1.30 26.71 -24.07
CA ARG D 83 1.29 27.38 -25.33
C ARG D 83 2.44 26.86 -26.12
N LEU D 84 3.54 26.62 -25.47
CA LEU D 84 4.70 26.09 -26.10
C LEU D 84 4.55 24.64 -26.28
N SER D 85 3.86 23.97 -25.38
CA SER D 85 3.67 22.52 -25.49
C SER D 85 2.81 22.41 -26.65
N ALA D 86 1.92 23.36 -26.84
CA ALA D 86 1.05 23.31 -28.02
C ALA D 86 1.72 23.47 -29.38
N LEU D 87 2.73 24.31 -29.49
CA LEU D 87 3.40 24.50 -30.77
C LEU D 87 4.23 23.31 -31.17
N LYS D 88 4.97 22.75 -30.23
CA LYS D 88 5.77 21.60 -30.54
C LYS D 88 4.99 20.52 -31.28
N LEU D 89 3.78 20.22 -30.82
CA LEU D 89 2.94 19.19 -31.37
C LEU D 89 2.20 19.56 -32.62
N LEU D 90 1.92 20.84 -32.79
CA LEU D 90 1.23 21.32 -33.96
C LEU D 90 2.23 21.05 -35.05
N ARG D 91 3.43 21.58 -34.90
CA ARG D 91 4.47 21.36 -35.87
C ARG D 91 4.66 19.85 -36.18
N GLU D 92 4.90 19.03 -35.19
CA GLU D 92 5.07 17.61 -35.41
C GLU D 92 3.91 16.82 -36.06
N ALA D 93 2.70 17.35 -36.13
CA ALA D 93 1.61 16.62 -36.75
C ALA D 93 1.33 17.16 -38.13
N VAL D 94 1.87 18.32 -38.41
CA VAL D 94 1.73 18.94 -39.70
C VAL D 94 2.43 18.07 -40.73
N LEU D 95 2.95 16.93 -40.31
CA LEU D 95 3.69 16.03 -41.18
C LEU D 95 2.85 14.86 -41.57
N GLU D 96 1.75 14.66 -40.87
CA GLU D 96 0.89 13.56 -41.22
C GLU D 96 -0.48 14.14 -41.35
N ILE D 97 -0.54 15.32 -41.96
CA ILE D 97 -1.81 15.97 -42.17
C ILE D 97 -2.73 14.99 -42.84
N SER D 98 -3.64 14.49 -42.06
CA SER D 98 -4.59 13.55 -42.52
C SER D 98 -5.84 14.30 -42.54
N ASP D 99 -6.91 13.63 -42.89
CA ASP D 99 -8.17 14.28 -42.96
C ASP D 99 -8.94 14.26 -41.66
N ASP D 100 -8.38 13.60 -40.68
CA ASP D 100 -9.01 13.52 -39.40
C ASP D 100 -8.53 14.63 -38.48
N ASN D 101 -7.24 14.86 -38.51
CA ASN D 101 -6.64 15.86 -37.68
C ASN D 101 -6.54 17.20 -38.35
N THR D 102 -7.42 17.47 -39.28
CA THR D 102 -7.35 18.69 -40.01
C THR D 102 -8.12 19.79 -39.36
N ASP D 103 -9.31 19.49 -38.90
CA ASP D 103 -10.09 20.50 -38.24
C ASP D 103 -9.45 20.74 -36.90
N ALA D 104 -8.71 19.80 -36.40
CA ALA D 104 -8.05 19.93 -35.14
C ALA D 104 -6.87 20.85 -35.25
N LEU D 105 -6.17 20.78 -36.37
CA LEU D 105 -5.03 21.63 -36.59
C LEU D 105 -5.50 23.04 -36.85
N VAL D 106 -6.61 23.20 -37.52
CA VAL D 106 -7.14 24.50 -37.79
C VAL D 106 -7.66 25.13 -36.51
N ALA D 107 -8.35 24.35 -35.69
CA ALA D 107 -8.88 24.84 -34.45
C ALA D 107 -7.82 25.32 -33.47
N SER D 108 -6.75 24.57 -33.28
CA SER D 108 -5.70 25.01 -32.38
C SER D 108 -4.86 26.12 -32.95
N SER D 109 -4.97 26.39 -34.23
CA SER D 109 -4.21 27.44 -34.82
C SER D 109 -4.92 28.71 -34.45
N LEU D 110 -6.22 28.69 -34.59
CA LEU D 110 -7.02 29.82 -34.26
C LEU D 110 -7.02 30.08 -32.78
N ILE D 111 -7.08 29.04 -31.98
CA ILE D 111 -7.06 29.21 -30.56
C ILE D 111 -5.75 29.81 -30.16
N LEU D 112 -4.66 29.30 -30.67
CA LEU D 112 -3.33 29.80 -30.36
C LEU D 112 -3.12 31.21 -30.82
N ILE D 113 -3.92 31.66 -31.76
CA ILE D 113 -3.81 33.01 -32.24
C ILE D 113 -4.52 33.96 -31.31
N MET D 114 -5.76 33.67 -30.99
CA MET D 114 -6.52 34.49 -30.10
C MET D 114 -5.81 34.55 -28.77
N ASP D 115 -5.25 33.45 -28.34
CA ASP D 115 -4.55 33.38 -27.09
C ASP D 115 -3.31 34.21 -27.08
N SER D 116 -2.74 34.41 -28.25
CA SER D 116 -1.54 35.17 -28.32
C SER D 116 -1.79 36.63 -28.39
N LEU D 117 -2.88 37.03 -28.99
CA LEU D 117 -3.16 38.42 -29.04
C LEU D 117 -3.55 38.86 -27.68
N ALA D 118 -4.05 37.97 -26.86
CA ALA D 118 -4.46 38.31 -25.51
C ALA D 118 -3.32 38.58 -24.57
N ASN D 119 -2.17 38.00 -24.83
CA ASN D 119 -1.04 38.23 -23.99
C ASN D 119 -0.14 39.26 -24.55
N ALA D 120 -0.57 39.90 -25.59
CA ALA D 120 0.23 40.88 -26.21
C ALA D 120 -0.06 42.17 -25.56
N SER D 121 0.98 42.79 -25.01
CA SER D 121 0.85 44.07 -24.34
C SER D 121 2.09 44.92 -24.44
N ASN D 122 2.98 44.75 -23.47
CA ASN D 122 4.23 45.46 -23.34
C ASN D 122 4.88 44.95 -22.08
N PRO D 125 6.11 42.40 -25.58
CA PRO D 125 5.37 42.76 -26.78
C PRO D 125 6.10 42.26 -28.00
N THR D 126 6.60 41.04 -27.92
CA THR D 126 7.30 40.48 -29.05
C THR D 126 7.42 39.00 -28.95
N ALA D 127 7.01 38.47 -27.82
CA ALA D 127 7.09 37.06 -27.62
C ALA D 127 5.78 36.43 -28.00
N TRP D 128 4.85 37.22 -28.50
CA TRP D 128 3.58 36.68 -28.89
C TRP D 128 3.61 36.37 -30.34
N ILE D 129 4.52 37.02 -31.02
CA ILE D 129 4.72 36.91 -32.47
C ILE D 129 5.26 35.53 -32.86
N PHE D 130 6.22 35.02 -32.09
CA PHE D 130 6.78 33.70 -32.38
C PHE D 130 5.68 32.64 -32.47
N HIS D 131 4.74 32.69 -31.57
CA HIS D 131 3.67 31.74 -31.57
C HIS D 131 2.77 31.94 -32.73
N VAL D 132 2.40 33.16 -33.01
CA VAL D 132 1.56 33.44 -34.14
C VAL D 132 2.19 32.92 -35.42
N LYS D 133 3.49 33.06 -35.58
CA LYS D 133 4.18 32.60 -36.73
C LYS D 133 3.97 31.11 -36.89
N GLY D 134 4.05 30.41 -35.78
CA GLY D 134 3.74 28.97 -35.81
C GLY D 134 2.33 28.68 -36.24
N ALA D 135 1.36 29.36 -35.62
CA ALA D 135 -0.03 29.24 -36.04
C ALA D 135 -0.19 29.48 -37.54
N VAL D 136 0.40 30.57 -38.05
CA VAL D 136 0.24 30.94 -39.44
C VAL D 136 0.86 29.90 -40.36
N THR D 137 2.02 29.34 -39.96
CA THR D 137 2.67 28.40 -40.87
C THR D 137 1.92 27.06 -40.92
N ILE D 138 1.27 26.63 -39.82
CA ILE D 138 0.34 25.49 -39.86
C ILE D 138 -0.78 25.76 -40.85
N LEU D 139 -1.51 26.85 -40.59
CA LEU D 139 -2.58 27.30 -41.46
C LEU D 139 -2.16 27.27 -42.92
N THR D 140 -1.02 27.90 -43.25
CA THR D 140 -0.52 27.88 -44.63
C THR D 140 -0.39 26.44 -45.14
N ALA D 141 0.13 25.55 -44.30
CA ALA D 141 0.37 24.18 -44.73
C ALA D 141 -0.90 23.37 -44.91
N VAL D 142 -2.02 23.70 -44.22
CA VAL D 142 -3.22 22.88 -44.41
C VAL D 142 -4.19 23.47 -45.42
N TRP D 143 -4.04 24.72 -45.82
CA TRP D 143 -4.94 25.25 -46.80
C TRP D 143 -4.46 24.87 -48.19
N PRO D 144 -5.36 24.52 -49.20
CA PRO D 144 -6.78 24.64 -48.89
C PRO D 144 -7.41 23.45 -48.25
N LEU D 145 -8.45 23.69 -47.48
CA LEU D 145 -9.19 22.67 -46.76
C LEU D 145 -10.26 22.08 -47.60
N PRO D 146 -10.64 20.80 -47.28
CA PRO D 146 -11.73 20.25 -48.10
C PRO D 146 -13.10 20.74 -47.66
N GLU D 147 -13.91 21.17 -48.61
CA GLU D 147 -15.23 21.66 -48.30
C GLU D 147 -16.00 20.89 -47.24
N THR D 148 -15.55 19.69 -46.91
CA THR D 148 -16.24 18.92 -45.88
C THR D 148 -15.68 19.21 -44.50
N SER D 149 -15.02 20.36 -44.36
CA SER D 149 -14.44 20.79 -43.12
C SER D 149 -15.36 21.78 -42.50
N LYS D 150 -15.64 21.60 -41.24
CA LYS D 150 -16.51 22.48 -40.56
C LYS D 150 -15.98 23.89 -40.58
N PHE D 151 -14.68 24.02 -40.73
CA PHE D 151 -14.08 25.31 -40.72
C PHE D 151 -14.05 26.02 -42.06
N TYR D 152 -14.29 25.31 -43.15
CA TYR D 152 -14.27 25.92 -44.48
C TYR D 152 -14.84 27.31 -44.58
N ASN D 153 -15.63 27.65 -43.58
CA ASN D 153 -16.28 28.94 -43.46
C ASN D 153 -15.32 30.10 -43.34
N LEU D 154 -14.15 29.85 -42.73
CA LEU D 154 -13.08 30.83 -42.50
C LEU D 154 -12.30 31.38 -43.72
N ILE D 155 -12.91 31.26 -44.91
CA ILE D 155 -12.34 31.73 -46.19
C ILE D 155 -13.34 32.66 -46.83
N SER D 156 -13.37 32.77 -48.15
CA SER D 156 -14.33 33.66 -48.79
C SER D 156 -15.04 33.23 -50.07
N VAL D 157 -14.39 33.49 -51.18
CA VAL D 157 -14.95 33.20 -52.49
C VAL D 157 -13.90 32.86 -53.51
N ASP D 158 -13.17 33.88 -53.94
CA ASP D 158 -12.13 33.75 -54.95
C ASP D 158 -12.69 33.28 -56.28
N LEU D 159 -13.45 34.16 -56.90
CA LEU D 159 -14.04 33.91 -58.20
C LEU D 159 -15.06 35.00 -58.47
N PRO D 188 -7.31 48.73 -61.43
CA PRO D 188 -7.18 47.45 -62.15
C PRO D 188 -5.82 47.38 -62.83
N VAL D 189 -5.26 46.23 -63.19
CA VAL D 189 -5.76 44.87 -63.04
C VAL D 189 -4.82 44.07 -63.96
N ASP D 190 -5.40 43.17 -64.74
CA ASP D 190 -4.71 42.31 -65.70
C ASP D 190 -4.36 40.97 -65.14
N LEU D 191 -5.34 40.09 -65.32
CA LEU D 191 -5.33 38.72 -64.89
C LEU D 191 -3.98 38.04 -64.94
N ASP D 192 -3.10 38.54 -65.78
CA ASP D 192 -1.77 37.94 -65.88
C ASP D 192 -1.00 38.37 -64.65
N SER D 193 -1.23 39.61 -64.25
CA SER D 193 -0.59 40.18 -63.09
C SER D 193 -0.42 39.20 -61.97
N PRO D 194 0.73 39.35 -61.21
CA PRO D 194 0.84 38.41 -60.10
C PRO D 194 0.15 38.94 -58.87
N TYR D 195 -0.47 40.10 -58.94
CA TYR D 195 -1.15 40.67 -57.80
C TYR D 195 -2.65 40.47 -57.81
N LEU D 196 -3.21 40.03 -58.90
CA LEU D 196 -4.65 39.88 -59.01
C LEU D 196 -5.38 39.14 -57.89
N ILE D 197 -5.03 37.89 -57.69
CA ILE D 197 -5.68 37.01 -56.71
C ILE D 197 -5.77 37.69 -55.35
N THR D 198 -4.61 38.08 -54.79
CA THR D 198 -4.58 38.70 -53.47
C THR D 198 -5.52 39.90 -53.41
N LEU D 199 -5.41 40.79 -54.40
CA LEU D 199 -6.18 42.03 -54.38
C LEU D 199 -7.67 41.74 -54.37
N ALA D 200 -8.09 40.72 -55.13
CA ALA D 200 -9.49 40.32 -55.13
C ALA D 200 -9.88 39.72 -53.78
N TYR D 201 -9.11 38.73 -53.31
CA TYR D 201 -9.21 38.21 -51.96
C TYR D 201 -9.34 39.34 -50.94
N LEU D 202 -8.37 40.27 -50.94
CA LEU D 202 -8.37 41.34 -49.94
C LEU D 202 -9.58 42.26 -50.10
N ASP D 203 -9.89 42.65 -51.32
CA ASP D 203 -11.03 43.54 -51.50
C ASP D 203 -12.33 42.83 -51.13
N LYS D 204 -12.46 41.58 -51.55
CA LYS D 204 -13.68 40.84 -51.29
C LYS D 204 -13.90 40.62 -49.79
N LEU D 205 -12.83 40.28 -49.07
CA LEU D 205 -12.88 40.18 -47.63
C LEU D 205 -13.32 41.51 -47.01
N TYR D 206 -12.80 42.62 -47.54
CA TYR D 206 -13.15 43.93 -46.99
C TYR D 206 -14.65 44.22 -47.11
N ARG D 207 -15.27 43.80 -48.19
CA ARG D 207 -16.69 44.03 -48.32
C ARG D 207 -17.48 43.28 -47.25
N GLU D 208 -16.97 42.18 -46.71
CA GLU D 208 -17.76 41.42 -45.74
C GLU D 208 -17.92 41.92 -44.31
N LYS D 209 -16.99 42.76 -43.86
CA LYS D 209 -17.00 43.40 -42.54
C LYS D 209 -18.22 43.19 -41.64
N ASN D 210 -19.41 43.41 -42.16
CA ASN D 210 -20.62 43.21 -41.35
C ASN D 210 -21.18 41.82 -41.60
N GLN D 211 -20.55 40.83 -40.97
CA GLN D 211 -20.86 39.44 -41.28
C GLN D 211 -20.11 38.53 -40.32
N LEU D 212 -20.71 37.38 -40.07
CA LEU D 212 -20.18 36.38 -39.20
C LEU D 212 -18.94 35.70 -39.68
N ASP D 213 -17.98 35.61 -38.78
CA ASP D 213 -16.72 34.94 -39.01
C ASP D 213 -15.64 35.77 -39.71
N TYR D 214 -15.89 37.06 -39.82
CA TYR D 214 -15.00 38.04 -40.43
C TYR D 214 -13.72 38.12 -39.69
N ILE D 215 -13.81 38.04 -38.37
CA ILE D 215 -12.64 38.09 -37.55
C ILE D 215 -11.72 36.92 -37.84
N LEU D 216 -12.27 35.80 -38.25
CA LEU D 216 -11.48 34.63 -38.53
C LEU D 216 -10.86 34.64 -39.91
N ARG D 217 -11.49 35.33 -40.82
CA ARG D 217 -10.97 35.45 -42.14
C ARG D 217 -9.89 36.49 -42.15
N VAL D 218 -10.07 37.52 -41.37
CA VAL D 218 -9.08 38.58 -41.29
C VAL D 218 -7.77 38.06 -40.75
N PHE D 219 -7.82 37.14 -39.79
CA PHE D 219 -6.62 36.60 -39.19
C PHE D 219 -5.98 35.62 -40.11
N ALA D 220 -6.81 34.87 -40.80
CA ALA D 220 -6.36 33.83 -41.69
C ALA D 220 -5.74 34.25 -42.99
N PHE D 221 -6.04 35.46 -43.40
CA PHE D 221 -5.55 36.02 -44.63
C PHE D 221 -4.09 35.76 -44.97
N PRO D 222 -3.19 36.05 -44.08
CA PRO D 222 -1.77 35.86 -44.45
C PRO D 222 -1.41 34.42 -44.80
N ALA D 223 -2.14 33.44 -44.28
CA ALA D 223 -1.88 32.04 -44.55
C ALA D 223 -2.51 31.54 -45.85
N LEU D 224 -3.45 32.29 -46.42
CA LEU D 224 -4.18 31.86 -47.61
C LEU D 224 -3.78 32.65 -48.87
N LEU D 225 -2.69 33.42 -48.82
CA LEU D 225 -2.11 33.96 -50.04
C LEU D 225 -1.64 32.80 -50.92
N ASP D 226 -1.73 32.97 -52.24
CA ASP D 226 -1.23 31.95 -53.12
C ASP D 226 0.29 31.86 -52.98
N ARG D 227 0.87 30.72 -53.31
CA ARG D 227 2.31 30.55 -53.15
C ARG D 227 3.14 31.43 -54.03
N THR D 228 2.60 31.78 -55.16
CA THR D 228 3.30 32.61 -56.07
C THR D 228 3.37 33.96 -55.43
N PHE D 229 2.22 34.55 -55.15
CA PHE D 229 2.28 35.86 -54.51
C PHE D 229 3.21 35.84 -53.31
N LEU D 230 3.16 34.76 -52.55
CA LEU D 230 3.87 34.73 -51.29
C LEU D 230 5.37 34.59 -51.49
N THR D 231 5.75 33.73 -52.41
CA THR D 231 7.14 33.58 -52.67
C THR D 231 7.64 34.88 -53.21
N LEU D 232 6.75 35.63 -53.85
CA LEU D 232 7.09 36.89 -54.41
C LEU D 232 7.21 37.89 -53.31
N LEU D 233 6.40 37.76 -52.32
CA LEU D 233 6.43 38.71 -51.21
C LEU D 233 7.70 38.55 -50.38
N MET D 234 8.11 37.31 -50.12
CA MET D 234 9.31 37.09 -49.31
C MET D 234 10.59 37.53 -50.02
N THR D 235 10.57 37.72 -51.34
CA THR D 235 11.73 38.37 -51.94
C THR D 235 11.77 39.86 -51.66
N GLY D 236 10.79 40.39 -50.92
CA GLY D 236 10.75 41.80 -50.63
C GLY D 236 10.17 42.65 -51.72
N ASP D 237 9.50 42.04 -52.72
CA ASP D 237 8.92 42.79 -53.83
C ASP D 237 8.06 43.93 -53.32
N LEU D 238 8.26 45.12 -53.89
CA LEU D 238 7.54 46.32 -53.44
C LEU D 238 6.04 46.23 -53.63
N GLY D 239 5.59 45.70 -54.79
CA GLY D 239 4.17 45.61 -55.05
C GLY D 239 3.43 44.74 -54.04
N ALA D 240 3.92 43.51 -53.86
CA ALA D 240 3.33 42.63 -52.88
C ALA D 240 3.40 43.22 -51.46
N MET D 241 4.51 43.90 -51.14
CA MET D 241 4.67 44.48 -49.81
C MET D 241 3.73 45.66 -49.59
N ARG D 242 3.54 46.50 -50.60
CA ARG D 242 2.49 47.52 -50.50
C ARG D 242 1.14 46.86 -50.30
N ILE D 243 0.88 45.75 -51.01
CA ILE D 243 -0.42 45.07 -50.87
C ILE D 243 -0.67 44.70 -49.41
N MET D 244 0.34 44.12 -48.75
CA MET D 244 0.17 43.65 -47.39
C MET D 244 -0.02 44.81 -46.42
N ARG D 245 0.64 45.94 -46.67
CA ARG D 245 0.36 47.11 -45.85
C ARG D 245 -1.12 47.46 -45.88
N SER D 246 -1.82 47.13 -46.97
CA SER D 246 -3.27 47.37 -46.97
C SER D 246 -4.00 46.38 -46.08
N TYR D 247 -3.62 45.09 -46.16
CA TYR D 247 -4.13 44.14 -45.19
C TYR D 247 -3.89 44.61 -43.77
N TYR D 248 -2.71 45.14 -43.53
CA TYR D 248 -2.36 45.64 -42.24
C TYR D 248 -3.19 46.81 -41.79
N LYS D 249 -3.60 47.65 -42.71
CA LYS D 249 -4.38 48.80 -42.37
C LYS D 249 -5.74 48.34 -41.95
N LEU D 250 -6.19 47.28 -42.58
CA LEU D 250 -7.50 46.76 -42.31
C LEU D 250 -7.55 45.90 -41.07
N LEU D 251 -6.45 45.27 -40.74
CA LEU D 251 -6.40 44.42 -39.60
C LEU D 251 -6.24 45.31 -38.40
N ARG D 252 -5.44 46.33 -38.53
CA ARG D 252 -5.20 47.28 -37.48
C ARG D 252 -6.47 47.93 -37.12
N ASN D 253 -7.18 48.41 -38.10
CA ASN D 253 -8.41 49.12 -37.88
C ASN D 253 -9.48 48.30 -37.27
N TYR D 254 -9.66 47.08 -37.73
CA TYR D 254 -10.72 46.25 -37.22
C TYR D 254 -10.56 45.83 -35.76
N THR D 255 -9.34 45.61 -35.34
CA THR D 255 -9.09 45.21 -33.99
C THR D 255 -9.25 46.30 -32.99
N THR D 256 -9.15 47.54 -33.43
CA THR D 256 -9.26 48.62 -32.51
C THR D 256 -10.70 49.02 -32.36
N GLU D 257 -11.50 48.69 -33.34
CA GLU D 257 -12.89 49.04 -33.26
C GLU D 257 -13.66 48.04 -32.40
N ILE D 258 -13.32 46.77 -32.50
CA ILE D 258 -14.00 45.76 -31.71
C ILE D 258 -13.20 45.35 -30.48
N MET D 259 -12.58 46.31 -29.84
CA MET D 259 -11.87 46.06 -28.62
C MET D 259 -12.87 45.64 -27.56
N ASP D 260 -13.71 46.59 -27.24
CA ASP D 260 -14.76 46.44 -26.25
C ASP D 260 -15.72 45.31 -26.59
N ARG D 261 -15.23 44.31 -27.29
CA ARG D 261 -16.08 43.20 -27.65
C ARG D 261 -15.32 41.92 -27.55
N ALA D 262 -14.01 42.04 -27.60
CA ALA D 262 -13.17 40.90 -27.52
C ALA D 262 -12.22 41.14 -26.41
N TRP D 263 -12.28 40.32 -25.37
CA TRP D 263 -11.39 40.51 -24.27
C TRP D 263 -9.97 40.21 -24.70
N PHE D 264 -9.84 39.34 -25.67
CA PHE D 264 -8.53 38.92 -26.11
C PHE D 264 -7.89 39.86 -27.12
N LEU D 265 -8.63 40.91 -27.48
CA LEU D 265 -8.15 41.91 -28.42
C LEU D 265 -7.89 43.20 -27.74
N GLU D 266 -7.98 43.22 -26.43
CA GLU D 266 -7.74 44.43 -25.70
C GLU D 266 -6.24 44.65 -25.66
N GLY D 267 -5.79 45.82 -26.05
CA GLY D 267 -4.38 46.11 -26.02
C GLY D 267 -3.59 45.94 -27.28
N VAL D 268 -4.01 45.03 -28.13
CA VAL D 268 -3.32 44.79 -29.37
C VAL D 268 -3.00 46.07 -30.11
N SER D 269 -3.89 47.04 -30.03
CA SER D 269 -3.66 48.28 -30.72
C SER D 269 -2.34 48.86 -30.31
N GLN D 270 -2.00 48.73 -29.04
CA GLN D 270 -0.73 49.27 -28.59
C GLN D 270 0.43 48.43 -29.09
N VAL D 271 0.15 47.27 -29.65
CA VAL D 271 1.22 46.41 -30.12
C VAL D 271 1.32 46.40 -31.62
N LEU D 272 0.34 46.99 -32.27
CA LEU D 272 0.33 47.05 -33.70
C LEU D 272 0.55 48.47 -34.09
N PRO D 273 1.78 48.82 -34.41
CA PRO D 273 1.97 50.25 -34.76
C PRO D 273 1.27 50.68 -36.04
N ARG D 274 0.88 51.96 -36.09
CA ARG D 274 0.28 52.54 -37.31
C ARG D 274 1.28 52.58 -38.46
N ASP D 275 2.53 52.88 -38.18
CA ASP D 275 3.60 52.78 -39.16
C ASP D 275 4.35 51.50 -38.90
N VAL D 276 4.39 50.60 -39.89
CA VAL D 276 5.19 49.40 -39.72
C VAL D 276 6.66 49.72 -39.50
N ASP D 277 7.05 50.94 -39.83
CA ASP D 277 8.42 51.35 -39.60
C ASP D 277 8.68 51.53 -38.14
N ASP D 278 7.62 51.73 -37.37
CA ASP D 278 7.77 51.93 -35.93
C ASP D 278 7.75 50.62 -35.18
N TYR D 279 8.04 49.54 -35.87
CA TYR D 279 8.05 48.22 -35.29
C TYR D 279 9.04 48.29 -34.18
N SER D 280 8.70 47.73 -33.04
CA SER D 280 9.59 47.80 -31.92
C SER D 280 10.70 46.81 -32.02
N GLY D 281 10.68 46.02 -33.07
CA GLY D 281 11.71 45.04 -33.28
C GLY D 281 12.67 45.51 -34.33
N GLY D 282 12.24 46.43 -35.16
CA GLY D 282 13.09 46.92 -36.22
C GLY D 282 12.27 47.70 -37.20
N GLY D 283 12.46 47.49 -38.49
CA GLY D 283 11.71 48.21 -39.48
C GLY D 283 10.60 47.35 -40.02
N GLY D 284 9.81 47.88 -40.93
CA GLY D 284 8.69 47.13 -41.44
C GLY D 284 9.04 45.87 -42.17
N MET D 285 10.27 45.80 -42.62
CA MET D 285 10.72 44.65 -43.34
C MET D 285 10.91 43.53 -42.35
N HIS D 286 11.48 43.87 -41.21
CA HIS D 286 11.72 42.94 -40.14
C HIS D 286 10.41 42.48 -39.56
N MET D 287 9.44 43.36 -39.59
CA MET D 287 8.15 43.04 -39.06
C MET D 287 7.43 41.99 -39.87
N MET D 288 7.83 41.83 -41.11
CA MET D 288 7.22 40.87 -41.97
C MET D 288 7.98 39.58 -41.84
N LEU D 289 9.26 39.69 -41.61
CA LEU D 289 10.09 38.55 -41.46
C LEU D 289 9.74 37.91 -40.17
N ASP D 290 9.55 38.72 -39.16
CA ASP D 290 9.22 38.23 -37.88
C ASP D 290 7.92 37.48 -37.90
N PHE D 291 7.09 37.72 -38.90
CA PHE D 291 5.82 37.05 -39.01
C PHE D 291 5.66 35.96 -40.10
N LEU D 292 6.33 36.04 -41.24
CA LEU D 292 6.13 35.06 -42.32
C LEU D 292 7.24 34.09 -42.67
N GLY D 293 6.92 33.01 -43.42
CA GLY D 293 7.94 32.00 -43.66
C GLY D 293 8.07 30.99 -42.53
#